data_8SV1
#
_entry.id   8SV1
#
_cell.length_a   1.00
_cell.length_b   1.00
_cell.length_c   1.00
_cell.angle_alpha   90.00
_cell.angle_beta   90.00
_cell.angle_gamma   90.00
#
_symmetry.space_group_name_H-M   'P 1'
#
loop_
_entity.id
_entity.type
_entity.pdbx_description
1 polymer Caspase-1
2 polymer Caspase-1
3 polymer Interleukin-18
#
loop_
_entity_poly.entity_id
_entity_poly.type
_entity_poly.pdbx_seq_one_letter_code
_entity_poly.pdbx_strand_id
1 'polypeptide(L)'
;AEIYPIMDKSSRTRLALIICNEEFDSIPRRTGAEVDITGMTMLLQNLGYSVDVKKNLTASDMTTELEAFAHRPEHKTSDS
TFLVFMSHGIREGICGKKHSEQVPDILQLNAIFNMLNTKNCPSLKDKPKVIIIQACRGDSPGVVWFKD
;
A,a
2 'polypeptide(L)'
;AIKKAHIEKDFIAFCSSTPDNVSWRHPTMGSVFIGRLIEHMQEYACSCDVEEIFRKVRFSFEQPDGRAQMPTTERVTLTR
CFYLFPGH
;
B,b
3 'polypeptide(L)'
;VEDNCINFVAMKFIDNTLYFIAEDDENLESDYFGKLESKLSVIRNLNDQVLFIDQGNRPLFEDMTDSDCRDNAPRTIFII
SMYKDSQPRGMAVTISVKCEKISTLSCENKIISFKEMNPPDNIKDTKSDIIFFQRSVPGHDNKMQFESSSYEGYFLACEK
ERDLFKLILKKEDELGDRSIMFTVQNED
;
C,c
#
# COMPACT_ATOMS: atom_id res chain seq x y z
N ALA A 1 -7.52 -26.04 7.62
CA ALA A 1 -8.09 -24.80 8.11
C ALA A 1 -7.49 -23.59 7.41
N GLU A 2 -7.04 -23.80 6.18
CA GLU A 2 -6.44 -22.75 5.37
C GLU A 2 -7.46 -21.98 4.54
N ILE A 3 -8.73 -22.36 4.58
CA ILE A 3 -9.77 -21.69 3.83
C ILE A 3 -10.72 -21.00 4.81
N TYR A 4 -11.39 -19.96 4.33
CA TYR A 4 -12.28 -19.17 5.15
C TYR A 4 -13.58 -19.91 5.40
N PRO A 5 -14.31 -19.55 6.46
CA PRO A 5 -15.63 -20.15 6.67
C PRO A 5 -16.63 -19.64 5.65
N ILE A 6 -17.46 -20.54 5.16
CA ILE A 6 -18.52 -20.23 4.21
C ILE A 6 -19.83 -20.74 4.78
N MET A 7 -20.76 -19.84 5.03
CA MET A 7 -22.02 -20.21 5.67
C MET A 7 -23.02 -20.71 4.64
N ASP A 8 -24.11 -21.29 5.15
CA ASP A 8 -25.11 -21.94 4.30
C ASP A 8 -25.74 -20.95 3.33
N LYS A 9 -25.91 -21.39 2.09
CA LYS A 9 -26.54 -20.54 1.07
C LYS A 9 -27.98 -20.22 1.45
N SER A 10 -28.71 -21.19 1.98
CA SER A 10 -30.14 -21.02 2.24
C SER A 10 -30.44 -20.08 3.40
N SER A 11 -29.44 -19.70 4.18
CA SER A 11 -29.69 -18.86 5.36
C SER A 11 -28.76 -17.65 5.49
N ARG A 12 -27.61 -17.64 4.82
CA ARG A 12 -26.70 -16.50 4.94
C ARG A 12 -27.32 -15.26 4.31
N THR A 13 -26.96 -14.10 4.85
CA THR A 13 -27.40 -12.81 4.30
C THR A 13 -26.15 -11.96 4.13
N ARG A 14 -25.49 -12.10 2.99
CA ARG A 14 -24.29 -11.33 2.71
C ARG A 14 -24.67 -9.88 2.39
N LEU A 15 -23.64 -9.05 2.22
CA LEU A 15 -23.86 -7.66 1.86
C LEU A 15 -22.64 -7.14 1.11
N ALA A 16 -22.90 -6.36 0.06
CA ALA A 16 -21.85 -5.74 -0.72
C ALA A 16 -22.29 -4.34 -1.11
N LEU A 17 -21.32 -3.46 -1.31
CA LEU A 17 -21.57 -2.09 -1.69
C LEU A 17 -20.87 -1.80 -3.00
N ILE A 18 -21.56 -1.09 -3.91
CA ILE A 18 -21.02 -0.73 -5.21
C ILE A 18 -21.26 0.76 -5.36
N ILE A 19 -20.23 1.56 -5.08
CA ILE A 19 -20.28 3.02 -5.22
C ILE A 19 -19.62 3.40 -6.52
N CYS A 20 -20.34 4.15 -7.36
CA CYS A 20 -19.80 4.64 -8.62
C CYS A 20 -20.15 6.10 -8.78
N ASN A 21 -19.23 6.88 -9.32
CA ASN A 21 -19.45 8.29 -9.60
C ASN A 21 -19.41 8.48 -11.11
N GLU A 22 -20.52 8.97 -11.66
CA GLU A 22 -20.62 9.18 -13.10
C GLU A 22 -20.78 10.64 -13.47
N GLU A 23 -21.71 11.35 -12.85
CA GLU A 23 -21.98 12.74 -13.17
C GLU A 23 -21.41 13.64 -12.08
N PHE A 24 -20.66 14.66 -12.49
CA PHE A 24 -19.98 15.57 -11.57
C PHE A 24 -20.47 17.00 -11.83
N ASP A 25 -19.92 17.94 -11.06
CA ASP A 25 -20.30 19.34 -11.18
C ASP A 25 -19.19 20.23 -11.72
N SER A 26 -17.93 19.78 -11.65
CA SER A 26 -16.83 20.54 -12.22
C SER A 26 -15.87 19.64 -12.99
N ILE A 27 -16.32 18.46 -13.39
CA ILE A 27 -15.45 17.45 -14.00
C ILE A 27 -16.15 16.89 -15.23
N PRO A 28 -15.42 16.54 -16.29
CA PRO A 28 -16.06 15.83 -17.41
C PRO A 28 -16.68 14.51 -16.95
N ARG A 29 -17.79 14.16 -17.57
CA ARG A 29 -18.57 13.00 -17.16
C ARG A 29 -17.80 11.71 -17.36
N ARG A 30 -18.11 10.72 -16.52
CA ARG A 30 -17.51 9.39 -16.63
C ARG A 30 -18.45 8.51 -17.47
N THR A 31 -18.39 8.71 -18.78
CA THR A 31 -19.23 7.94 -19.68
C THR A 31 -18.83 6.46 -19.63
N GLY A 32 -19.82 5.60 -19.84
CA GLY A 32 -19.63 4.17 -19.78
C GLY A 32 -19.75 3.58 -18.40
N ALA A 33 -19.92 4.39 -17.36
CA ALA A 33 -20.08 3.88 -16.00
C ALA A 33 -21.37 3.09 -15.83
N GLU A 34 -22.38 3.35 -16.66
CA GLU A 34 -23.64 2.63 -16.53
C GLU A 34 -23.47 1.14 -16.82
N VAL A 35 -22.74 0.82 -17.89
CA VAL A 35 -22.48 -0.58 -18.22
C VAL A 35 -21.62 -1.21 -17.12
N ASP A 36 -20.69 -0.43 -16.56
CA ASP A 36 -19.86 -0.93 -15.47
C ASP A 36 -20.71 -1.32 -14.26
N ILE A 37 -21.62 -0.43 -13.86
CA ILE A 37 -22.49 -0.71 -12.73
C ILE A 37 -23.35 -1.93 -13.01
N THR A 38 -23.93 -1.99 -14.21
CA THR A 38 -24.80 -3.12 -14.53
C THR A 38 -24.05 -4.44 -14.49
N GLY A 39 -22.85 -4.48 -15.09
CA GLY A 39 -22.10 -5.73 -15.10
C GLY A 39 -21.62 -6.14 -13.72
N MET A 40 -21.10 -5.19 -12.95
CA MET A 40 -20.65 -5.51 -11.60
C MET A 40 -21.80 -5.98 -10.72
N THR A 41 -22.95 -5.30 -10.80
CA THR A 41 -24.11 -5.69 -10.04
C THR A 41 -24.59 -7.09 -10.43
N MET A 42 -24.62 -7.38 -11.73
CA MET A 42 -25.05 -8.70 -12.17
C MET A 42 -24.10 -9.78 -11.67
N LEU A 43 -22.79 -9.53 -11.77
CA LEU A 43 -21.82 -10.52 -11.31
C LEU A 43 -21.94 -10.77 -9.81
N LEU A 44 -22.06 -9.71 -9.01
CA LEU A 44 -22.17 -9.90 -7.57
C LEU A 44 -23.50 -10.56 -7.19
N GLN A 45 -24.58 -10.22 -7.91
CA GLN A 45 -25.86 -10.86 -7.66
C GLN A 45 -25.78 -12.35 -7.96
N ASN A 46 -25.09 -12.72 -9.04
CA ASN A 46 -24.81 -14.13 -9.30
C ASN A 46 -23.96 -14.76 -8.20
N LEU A 47 -22.98 -14.03 -7.68
CA LEU A 47 -22.11 -14.57 -6.65
C LEU A 47 -22.87 -14.88 -5.36
N GLY A 48 -23.93 -14.14 -5.08
CA GLY A 48 -24.73 -14.39 -3.89
C GLY A 48 -24.72 -13.23 -2.90
N TYR A 49 -24.61 -12.02 -3.41
CA TYR A 49 -24.53 -10.82 -2.58
C TYR A 49 -25.75 -9.95 -2.79
N SER A 50 -26.16 -9.26 -1.73
CA SER A 50 -27.24 -8.28 -1.79
C SER A 50 -26.62 -6.94 -2.15
N VAL A 51 -26.62 -6.62 -3.44
CA VAL A 51 -25.89 -5.47 -3.94
C VAL A 51 -26.59 -4.18 -3.53
N ASP A 52 -25.80 -3.24 -3.02
CA ASP A 52 -26.25 -1.87 -2.80
C ASP A 52 -25.53 -0.96 -3.78
N VAL A 53 -26.29 -0.21 -4.58
CA VAL A 53 -25.74 0.64 -5.61
C VAL A 53 -26.03 2.09 -5.25
N LYS A 54 -24.99 2.92 -5.31
CA LYS A 54 -25.11 4.35 -5.04
C LYS A 54 -24.38 5.12 -6.12
N LYS A 55 -24.86 6.32 -6.42
CA LYS A 55 -24.31 7.12 -7.50
C LYS A 55 -24.21 8.58 -7.06
N ASN A 56 -23.12 9.24 -7.46
CA ASN A 56 -22.94 10.67 -7.29
C ASN A 56 -23.04 11.08 -5.82
N LEU A 57 -22.07 10.61 -5.04
CA LEU A 57 -22.01 10.89 -3.61
C LEU A 57 -20.79 11.75 -3.31
N THR A 58 -21.00 12.82 -2.55
CA THR A 58 -19.88 13.57 -2.00
C THR A 58 -19.16 12.71 -0.95
N ALA A 59 -17.87 12.95 -0.79
CA ALA A 59 -17.08 12.16 0.13
C ALA A 59 -17.63 12.26 1.56
N SER A 60 -18.17 13.41 1.92
CA SER A 60 -18.82 13.53 3.23
C SER A 60 -20.01 12.58 3.34
N ASP A 61 -20.87 12.54 2.32
CA ASP A 61 -21.93 11.55 2.29
C ASP A 61 -21.38 10.15 2.08
N MET A 62 -20.25 10.03 1.39
CA MET A 62 -19.62 8.72 1.21
C MET A 62 -19.29 8.08 2.55
N THR A 63 -18.70 8.86 3.46
CA THR A 63 -18.27 8.31 4.74
C THR A 63 -19.45 7.85 5.58
N THR A 64 -20.51 8.67 5.65
CA THR A 64 -21.67 8.26 6.44
C THR A 64 -22.37 7.08 5.79
N GLU A 65 -22.30 6.95 4.46
CA GLU A 65 -22.83 5.75 3.83
C GLU A 65 -22.01 4.52 4.21
N LEU A 66 -20.69 4.63 4.29
CA LEU A 66 -19.88 3.51 4.75
C LEU A 66 -20.24 3.15 6.18
N GLU A 67 -20.44 4.16 7.03
CA GLU A 67 -20.82 3.88 8.42
C GLU A 67 -22.17 3.19 8.50
N ALA A 68 -23.13 3.63 7.69
CA ALA A 68 -24.43 2.97 7.67
C ALA A 68 -24.31 1.53 7.17
N PHE A 69 -23.45 1.30 6.17
CA PHE A 69 -23.23 -0.06 5.70
C PHE A 69 -22.62 -0.93 6.79
N ALA A 70 -21.67 -0.39 7.55
CA ALA A 70 -21.06 -1.16 8.62
C ALA A 70 -22.06 -1.47 9.72
N HIS A 71 -22.92 -0.50 10.06
CA HIS A 71 -23.88 -0.65 11.15
C HIS A 71 -25.09 -1.50 10.77
N ARG A 72 -25.22 -1.89 9.51
CA ARG A 72 -26.37 -2.69 9.11
C ARG A 72 -26.30 -4.06 9.80
N PRO A 73 -27.47 -4.69 10.09
CA PRO A 73 -27.50 -5.95 10.81
C PRO A 73 -27.09 -7.16 9.98
N GLU A 74 -27.27 -7.13 8.66
CA GLU A 74 -26.97 -8.36 7.93
C GLU A 74 -25.55 -8.83 8.21
N HIS A 75 -24.68 -7.94 8.69
CA HIS A 75 -23.29 -8.27 8.87
C HIS A 75 -23.09 -9.35 9.94
N LYS A 76 -23.93 -9.33 10.98
CA LYS A 76 -23.90 -10.41 11.96
C LYS A 76 -24.14 -11.77 11.34
N THR A 77 -24.85 -11.83 10.22
CA THR A 77 -25.16 -13.08 9.54
C THR A 77 -24.32 -13.34 8.31
N SER A 78 -23.42 -12.43 7.95
CA SER A 78 -22.60 -12.62 6.76
C SER A 78 -21.24 -13.21 7.11
N ASP A 79 -20.39 -13.36 6.10
CA ASP A 79 -19.02 -13.79 6.32
C ASP A 79 -18.00 -13.06 5.47
N SER A 80 -18.42 -12.08 4.66
CA SER A 80 -17.50 -11.33 3.82
C SER A 80 -18.19 -10.04 3.41
N THR A 81 -17.56 -9.31 2.49
CA THR A 81 -18.13 -8.09 1.94
C THR A 81 -17.33 -7.70 0.69
N PHE A 82 -17.93 -6.82 -0.09
CA PHE A 82 -17.26 -6.24 -1.26
C PHE A 82 -17.59 -4.75 -1.31
N LEU A 83 -16.57 -3.93 -1.50
CA LEU A 83 -16.75 -2.48 -1.62
C LEU A 83 -16.11 -2.06 -2.93
N VAL A 84 -16.87 -2.15 -4.01
CA VAL A 84 -16.38 -1.79 -5.33
C VAL A 84 -16.57 -0.30 -5.55
N PHE A 85 -15.48 0.40 -5.84
CA PHE A 85 -15.50 1.83 -6.04
C PHE A 85 -15.22 2.15 -7.50
N MET A 86 -15.86 3.20 -8.01
CA MET A 86 -15.66 3.64 -9.38
C MET A 86 -15.80 5.15 -9.42
N SER A 87 -14.69 5.85 -9.62
CA SER A 87 -14.73 7.31 -9.73
C SER A 87 -13.38 7.77 -10.29
N HIS A 88 -13.22 9.08 -10.41
CA HIS A 88 -11.92 9.64 -10.73
C HIS A 88 -10.99 9.51 -9.53
N GLY A 89 -9.69 9.61 -9.79
CA GLY A 89 -8.73 9.41 -8.73
C GLY A 89 -7.51 10.31 -8.78
N ILE A 90 -7.25 11.00 -7.66
CA ILE A 90 -6.02 11.76 -7.48
C ILE A 90 -5.05 10.87 -6.74
N ARG A 91 -3.75 11.17 -6.81
CA ARG A 91 -2.75 10.36 -6.13
C ARG A 91 -3.05 10.23 -4.64
N GLU A 92 -3.70 11.23 -4.05
CA GLU A 92 -4.12 11.12 -2.65
C GLU A 92 -5.15 10.01 -2.46
N GLY A 93 -6.14 9.92 -3.35
CA GLY A 93 -7.15 8.89 -3.19
C GLY A 93 -8.28 9.01 -4.19
N ILE A 94 -9.51 8.86 -3.69
CA ILE A 94 -10.69 8.73 -4.53
C ILE A 94 -11.39 10.08 -4.63
N CYS A 95 -11.83 10.42 -5.84
CA CYS A 95 -12.51 11.69 -6.07
C CYS A 95 -14.00 11.55 -5.82
N GLY A 96 -14.57 12.57 -5.19
CA GLY A 96 -16.00 12.61 -4.92
C GLY A 96 -16.77 13.34 -6.00
N LYS A 97 -18.07 13.50 -5.75
CA LYS A 97 -18.94 14.18 -6.71
C LYS A 97 -18.57 15.65 -6.86
N LYS A 98 -18.27 16.32 -5.76
CA LYS A 98 -18.01 17.75 -5.77
C LYS A 98 -16.52 18.08 -5.81
N HIS A 99 -15.68 17.14 -6.26
CA HIS A 99 -14.25 17.37 -6.26
C HIS A 99 -13.86 18.46 -7.25
N SER A 100 -12.88 19.27 -6.87
CA SER A 100 -12.37 20.33 -7.74
C SER A 100 -10.91 20.58 -7.39
N GLU A 101 -10.19 21.19 -8.33
CA GLU A 101 -8.80 21.52 -8.10
C GLU A 101 -8.61 22.67 -7.12
N GLN A 102 -9.65 23.50 -6.94
CA GLN A 102 -9.55 24.60 -5.99
C GLN A 102 -9.71 24.10 -4.56
N VAL A 103 -10.81 23.40 -4.27
CA VAL A 103 -10.98 22.74 -2.99
C VAL A 103 -11.16 21.24 -3.26
N PRO A 104 -10.26 20.40 -2.73
CA PRO A 104 -10.38 18.97 -2.98
C PRO A 104 -11.33 18.31 -2.00
N ASP A 105 -12.05 17.30 -2.47
CA ASP A 105 -12.92 16.47 -1.64
C ASP A 105 -12.57 15.03 -1.97
N ILE A 106 -11.55 14.50 -1.29
CA ILE A 106 -10.93 13.22 -1.64
C ILE A 106 -11.15 12.24 -0.50
N LEU A 107 -11.62 11.04 -0.84
CA LEU A 107 -11.77 9.95 0.12
C LEU A 107 -10.54 9.05 0.03
N GLN A 108 -9.67 9.13 1.04
CA GLN A 108 -8.46 8.33 1.03
C GLN A 108 -8.78 6.85 1.23
N LEU A 109 -7.88 5.99 0.74
CA LEU A 109 -8.03 4.57 0.98
C LEU A 109 -7.84 4.23 2.46
N ASN A 110 -6.99 4.98 3.16
CA ASN A 110 -6.80 4.75 4.58
C ASN A 110 -8.10 4.96 5.34
N ALA A 111 -8.86 5.99 4.98
CA ALA A 111 -10.16 6.22 5.63
C ALA A 111 -11.12 5.07 5.37
N ILE A 112 -11.11 4.53 4.14
CA ILE A 112 -11.97 3.40 3.82
C ILE A 112 -11.60 2.20 4.66
N PHE A 113 -10.30 1.94 4.82
CA PHE A 113 -9.87 0.84 5.68
C PHE A 113 -10.26 1.08 7.13
N ASN A 114 -10.14 2.32 7.60
CA ASN A 114 -10.44 2.62 8.99
C ASN A 114 -11.93 2.47 9.29
N MET A 115 -12.79 2.87 8.36
CA MET A 115 -14.23 2.74 8.58
C MET A 115 -14.70 1.29 8.60
N LEU A 116 -13.87 0.34 8.20
CA LEU A 116 -14.27 -1.07 8.19
C LEU A 116 -13.38 -1.95 9.06
N ASN A 117 -12.60 -1.36 9.99
CA ASN A 117 -11.76 -2.17 10.84
C ASN A 117 -12.61 -2.84 11.93
N THR A 118 -11.94 -3.65 12.76
CA THR A 118 -12.66 -4.39 13.80
C THR A 118 -13.25 -3.45 14.85
N LYS A 119 -12.54 -2.38 15.20
CA LYS A 119 -13.06 -1.45 16.20
C LYS A 119 -14.33 -0.76 15.72
N ASN A 120 -14.27 -0.14 14.54
CA ASN A 120 -15.42 0.62 14.04
C ASN A 120 -16.51 -0.29 13.48
N CYS A 121 -16.16 -1.47 13.00
CA CYS A 121 -17.11 -2.43 12.43
C CYS A 121 -16.90 -3.77 13.11
N PRO A 122 -17.36 -3.92 14.36
CA PRO A 122 -17.14 -5.18 15.07
C PRO A 122 -17.86 -6.37 14.45
N SER A 123 -18.79 -6.12 13.53
CA SER A 123 -19.57 -7.18 12.90
C SER A 123 -18.78 -7.99 11.89
N LEU A 124 -17.60 -7.52 11.49
CA LEU A 124 -16.87 -8.12 10.38
C LEU A 124 -15.56 -8.73 10.84
N LYS A 125 -15.46 -9.09 12.12
CA LYS A 125 -14.25 -9.73 12.62
C LYS A 125 -14.02 -11.06 11.93
N ASP A 126 -12.76 -11.32 11.56
CA ASP A 126 -12.37 -12.54 10.86
C ASP A 126 -13.25 -12.74 9.62
N LYS A 127 -13.49 -11.64 8.90
CA LYS A 127 -14.27 -11.67 7.67
C LYS A 127 -13.57 -10.77 6.66
N PRO A 128 -13.33 -11.24 5.44
CA PRO A 128 -12.58 -10.45 4.47
C PRO A 128 -13.30 -9.17 4.09
N LYS A 129 -12.52 -8.15 3.77
CA LYS A 129 -13.03 -6.90 3.22
C LYS A 129 -12.37 -6.71 1.87
N VAL A 130 -12.95 -7.32 0.84
CA VAL A 130 -12.34 -7.33 -0.48
C VAL A 130 -12.73 -6.06 -1.23
N ILE A 131 -11.93 -5.03 -1.05
CA ILE A 131 -12.22 -3.73 -1.67
C ILE A 131 -11.71 -3.74 -3.11
N ILE A 132 -12.51 -3.17 -4.00
CA ILE A 132 -12.16 -3.03 -5.41
C ILE A 132 -12.28 -1.55 -5.77
N ILE A 133 -11.23 -0.99 -6.35
CA ILE A 133 -11.18 0.43 -6.68
C ILE A 133 -10.82 0.59 -8.14
N GLN A 134 -11.54 1.45 -8.84
CA GLN A 134 -11.25 1.81 -10.22
C GLN A 134 -11.12 3.33 -10.27
N ALA A 135 -9.89 3.82 -10.23
CA ALA A 135 -9.63 5.25 -10.25
C ALA A 135 -8.17 5.46 -10.63
N CYS A 136 -7.83 6.71 -10.93
CA CYS A 136 -6.46 7.08 -11.25
C CYS A 136 -5.67 7.36 -9.96
N ARG A 137 -4.35 7.32 -10.09
CA ARG A 137 -3.48 7.59 -8.95
C ARG A 137 -2.32 8.52 -9.30
N GLY A 138 -2.38 9.20 -10.44
CA GLY A 138 -1.32 10.11 -10.81
C GLY A 138 -1.47 10.57 -12.24
N ASP A 139 -0.41 11.22 -12.73
CA ASP A 139 -0.34 11.74 -14.09
C ASP A 139 0.87 11.10 -14.77
N SER A 140 0.67 9.91 -15.36
CA SER A 140 1.73 9.24 -16.08
C SER A 140 1.10 8.14 -16.92
N PRO A 141 1.47 8.00 -18.19
CA PRO A 141 0.93 6.90 -19.00
C PRO A 141 1.17 5.51 -18.42
N GLY A 142 2.09 5.37 -17.48
CA GLY A 142 2.39 4.08 -16.90
C GLY A 142 3.44 3.28 -17.64
N VAL A 143 4.05 3.84 -18.69
CA VAL A 143 5.10 3.17 -19.44
C VAL A 143 6.26 4.14 -19.61
N VAL A 144 7.45 3.57 -19.77
CA VAL A 144 8.66 4.35 -19.98
C VAL A 144 9.40 3.77 -21.19
N TRP A 145 10.18 4.61 -21.85
CA TRP A 145 10.91 4.24 -23.05
C TRP A 145 12.39 4.12 -22.70
N PHE A 146 12.82 2.89 -22.41
CA PHE A 146 14.21 2.60 -22.09
C PHE A 146 14.88 2.00 -23.32
N LYS A 147 16.16 2.31 -23.49
CA LYS A 147 16.86 1.96 -24.72
C LYS A 147 17.51 0.59 -24.56
N ASP A 148 16.86 -0.42 -25.12
CA ASP A 148 17.32 -1.80 -25.02
C ASP A 148 18.57 -2.04 -25.86
N ALA B 1 -15.96 -12.68 25.96
CA ALA B 1 -16.63 -11.47 26.39
C ALA B 1 -15.96 -10.23 25.79
N ILE B 2 -14.70 -10.01 26.16
CA ILE B 2 -13.91 -8.90 25.64
C ILE B 2 -12.66 -9.52 25.00
N LYS B 3 -12.84 -10.66 24.34
CA LYS B 3 -11.75 -11.32 23.63
C LYS B 3 -11.11 -10.34 22.64
N LYS B 4 -9.78 -10.35 22.61
CA LYS B 4 -8.99 -9.43 21.81
C LYS B 4 -8.97 -9.86 20.34
N ALA B 5 -8.79 -8.88 19.47
CA ALA B 5 -8.63 -9.12 18.04
C ALA B 5 -7.87 -7.96 17.44
N HIS B 6 -7.19 -8.23 16.32
CA HIS B 6 -6.43 -7.20 15.64
C HIS B 6 -7.34 -6.10 15.15
N ILE B 7 -6.87 -4.85 15.25
CA ILE B 7 -7.67 -3.71 14.82
C ILE B 7 -7.91 -3.78 13.32
N GLU B 8 -6.86 -4.08 12.55
CA GLU B 8 -6.94 -4.12 11.09
C GLU B 8 -6.51 -5.51 10.64
N LYS B 9 -7.45 -6.28 10.12
CA LYS B 9 -7.14 -7.63 9.65
C LYS B 9 -8.15 -8.01 8.58
N ASP B 10 -7.72 -8.93 7.71
CA ASP B 10 -8.57 -9.48 6.65
C ASP B 10 -9.03 -8.39 5.69
N PHE B 11 -8.07 -7.66 5.14
CA PHE B 11 -8.32 -6.65 4.12
C PHE B 11 -7.54 -7.02 2.88
N ILE B 12 -8.17 -6.88 1.72
CA ILE B 12 -7.44 -6.96 0.46
C ILE B 12 -7.92 -5.87 -0.48
N ALA B 13 -7.19 -4.76 -0.53
CA ALA B 13 -7.49 -3.75 -1.52
C ALA B 13 -7.04 -4.23 -2.90
N PHE B 14 -7.62 -3.64 -3.94
CA PHE B 14 -7.23 -3.95 -5.31
C PHE B 14 -7.42 -2.69 -6.14
N CYS B 15 -6.36 -1.90 -6.26
CA CYS B 15 -6.45 -0.69 -7.07
C CYS B 15 -6.34 -1.04 -8.55
N SER B 16 -6.77 -0.09 -9.38
CA SER B 16 -6.73 -0.30 -10.82
C SER B 16 -5.33 -0.14 -11.37
N SER B 17 -4.54 0.78 -10.81
CA SER B 17 -3.22 1.08 -11.34
C SER B 17 -2.23 1.23 -10.19
N THR B 18 -0.95 1.13 -10.52
CA THR B 18 0.09 1.41 -9.55
C THR B 18 0.10 2.89 -9.20
N PRO B 19 0.60 3.24 -8.03
CA PRO B 19 0.64 4.65 -7.65
C PRO B 19 1.39 5.49 -8.67
N ASP B 20 0.85 6.68 -8.94
CA ASP B 20 1.41 7.65 -9.89
C ASP B 20 1.32 7.13 -11.32
N ASN B 21 0.22 6.49 -11.65
CA ASN B 21 -0.14 6.17 -13.03
C ASN B 21 -1.60 6.53 -13.24
N VAL B 22 -2.16 6.10 -14.38
CA VAL B 22 -3.54 6.41 -14.74
C VAL B 22 -4.26 5.13 -15.12
N SER B 23 -5.57 5.24 -15.31
CA SER B 23 -6.42 4.12 -15.69
C SER B 23 -7.34 4.53 -16.84
N TRP B 24 -7.62 3.58 -17.71
CA TRP B 24 -8.44 3.82 -18.90
C TRP B 24 -9.80 3.16 -18.74
N ARG B 25 -10.74 3.60 -19.58
CA ARG B 25 -12.09 3.06 -19.56
C ARG B 25 -12.75 3.31 -20.92
N HIS B 26 -13.22 2.22 -21.54
CA HIS B 26 -13.85 2.30 -22.85
C HIS B 26 -15.18 3.03 -22.74
N PRO B 27 -15.48 3.95 -23.67
CA PRO B 27 -16.72 4.75 -23.54
C PRO B 27 -17.99 3.94 -23.54
N THR B 28 -18.02 2.77 -24.17
CA THR B 28 -19.24 1.98 -24.26
C THR B 28 -19.10 0.59 -23.67
N MET B 29 -17.97 -0.08 -23.89
CA MET B 29 -17.78 -1.42 -23.35
C MET B 29 -17.58 -1.43 -21.83
N GLY B 30 -17.30 -0.27 -21.23
CA GLY B 30 -17.01 -0.19 -19.82
C GLY B 30 -15.51 -0.17 -19.57
N SER B 31 -15.16 0.03 -18.30
CA SER B 31 -13.77 0.13 -17.91
C SER B 31 -13.03 -1.16 -18.23
N VAL B 32 -11.83 -1.03 -18.79
CA VAL B 32 -11.03 -2.20 -19.14
C VAL B 32 -10.66 -2.98 -17.88
N PHE B 33 -10.28 -2.27 -16.81
CA PHE B 33 -9.95 -2.95 -15.57
C PHE B 33 -11.16 -3.71 -15.03
N ILE B 34 -12.32 -3.06 -14.97
CA ILE B 34 -13.51 -3.72 -14.47
C ILE B 34 -13.93 -4.85 -15.40
N GLY B 35 -13.79 -4.64 -16.71
CA GLY B 35 -14.15 -5.69 -17.66
C GLY B 35 -13.32 -6.95 -17.45
N ARG B 36 -12.00 -6.80 -17.36
CA ARG B 36 -11.13 -7.93 -17.07
C ARG B 36 -11.43 -8.54 -15.72
N LEU B 37 -11.68 -7.71 -14.70
CA LEU B 37 -12.00 -8.22 -13.37
C LEU B 37 -13.25 -9.08 -13.37
N ILE B 38 -14.32 -8.62 -14.00
CA ILE B 38 -15.56 -9.39 -14.01
C ILE B 38 -15.40 -10.64 -14.90
N GLU B 39 -14.65 -10.55 -15.99
CA GLU B 39 -14.45 -11.72 -16.82
C GLU B 39 -13.68 -12.79 -16.06
N HIS B 40 -12.67 -12.38 -15.27
CA HIS B 40 -11.86 -13.36 -14.57
C HIS B 40 -12.62 -14.01 -13.43
N MET B 41 -13.58 -13.32 -12.82
CA MET B 41 -14.43 -13.99 -11.85
C MET B 41 -15.49 -14.84 -12.54
N GLN B 42 -15.95 -14.44 -13.73
CA GLN B 42 -16.89 -15.28 -14.46
C GLN B 42 -16.24 -16.60 -14.88
N GLU B 43 -14.93 -16.59 -15.12
CA GLU B 43 -14.23 -17.78 -15.59
C GLU B 43 -13.47 -18.55 -14.52
N TYR B 44 -13.06 -17.90 -13.42
CA TYR B 44 -12.12 -18.52 -12.49
C TYR B 44 -12.57 -18.50 -11.03
N ALA B 45 -13.69 -17.85 -10.69
CA ALA B 45 -14.06 -17.72 -9.28
C ALA B 45 -14.34 -19.06 -8.62
N CYS B 46 -14.55 -20.12 -9.41
CA CYS B 46 -14.80 -21.44 -8.85
C CYS B 46 -13.54 -22.28 -8.71
N SER B 47 -12.39 -21.77 -9.12
CA SER B 47 -11.16 -22.56 -9.07
C SER B 47 -9.95 -21.80 -8.56
N CYS B 48 -10.07 -20.51 -8.26
CA CYS B 48 -8.97 -19.72 -7.75
C CYS B 48 -9.49 -18.70 -6.75
N ASP B 49 -8.72 -18.46 -5.70
CA ASP B 49 -9.14 -17.55 -4.64
C ASP B 49 -8.99 -16.10 -5.12
N VAL B 50 -9.33 -15.16 -4.23
CA VAL B 50 -9.28 -13.76 -4.59
C VAL B 50 -7.85 -13.33 -4.90
N GLU B 51 -6.88 -13.80 -4.13
CA GLU B 51 -5.49 -13.43 -4.37
C GLU B 51 -5.04 -13.88 -5.76
N GLU B 52 -5.30 -15.13 -6.11
CA GLU B 52 -4.85 -15.63 -7.40
C GLU B 52 -5.67 -15.06 -8.55
N ILE B 53 -6.96 -14.79 -8.34
CA ILE B 53 -7.74 -14.12 -9.38
C ILE B 53 -7.18 -12.73 -9.65
N PHE B 54 -6.83 -12.00 -8.58
CA PHE B 54 -6.23 -10.69 -8.76
C PHE B 54 -4.88 -10.81 -9.46
N ARG B 55 -4.12 -11.88 -9.16
CA ARG B 55 -2.86 -12.09 -9.85
C ARG B 55 -3.08 -12.36 -11.34
N LYS B 56 -4.10 -13.14 -11.69
CA LYS B 56 -4.41 -13.37 -13.09
C LYS B 56 -4.80 -12.08 -13.79
N VAL B 57 -5.60 -11.25 -13.12
CA VAL B 57 -5.95 -9.95 -13.68
C VAL B 57 -4.69 -9.11 -13.89
N ARG B 58 -3.78 -9.14 -12.93
CA ARG B 58 -2.54 -8.38 -13.06
C ARG B 58 -1.71 -8.88 -14.23
N PHE B 59 -1.61 -10.19 -14.39
CA PHE B 59 -0.82 -10.77 -15.48
C PHE B 59 -1.44 -10.47 -16.83
N SER B 60 -2.77 -10.38 -16.89
CA SER B 60 -3.44 -10.07 -18.15
C SER B 60 -3.07 -8.69 -18.69
N PHE B 61 -2.48 -7.82 -17.86
CA PHE B 61 -2.04 -6.51 -18.28
C PHE B 61 -0.53 -6.41 -18.44
N GLU B 62 0.16 -7.54 -18.59
CA GLU B 62 1.63 -7.51 -18.57
C GLU B 62 2.19 -6.87 -19.83
N GLN B 63 1.86 -7.42 -20.99
CA GLN B 63 2.38 -6.86 -22.24
C GLN B 63 1.64 -5.58 -22.58
N PRO B 64 2.32 -4.45 -22.67
CA PRO B 64 1.62 -3.18 -22.94
C PRO B 64 1.04 -3.15 -24.34
N ASP B 65 -0.09 -2.46 -24.47
CA ASP B 65 -0.82 -2.33 -25.73
C ASP B 65 -1.18 -0.87 -25.98
N GLY B 66 -0.21 0.03 -25.81
CA GLY B 66 -0.44 1.44 -26.01
C GLY B 66 -1.04 2.12 -24.80
N ARG B 67 -2.31 1.84 -24.53
CA ARG B 67 -2.97 2.35 -23.32
C ARG B 67 -2.84 1.31 -22.21
N ALA B 68 -1.65 1.26 -21.64
CA ALA B 68 -1.25 0.22 -20.71
C ALA B 68 -1.48 0.66 -19.26
N GLN B 69 -1.75 -0.33 -18.41
CA GLN B 69 -1.92 -0.10 -16.99
C GLN B 69 -1.59 -1.39 -16.25
N MET B 70 -1.42 -1.26 -14.93
CA MET B 70 -0.91 -2.35 -14.10
C MET B 70 -1.71 -2.39 -12.80
N PRO B 71 -2.61 -3.36 -12.63
CA PRO B 71 -3.35 -3.47 -11.38
C PRO B 71 -2.43 -3.70 -10.19
N THR B 72 -2.85 -3.21 -9.03
CA THR B 72 -2.08 -3.25 -7.80
C THR B 72 -2.92 -3.84 -6.69
N THR B 73 -2.28 -4.68 -5.86
CA THR B 73 -2.95 -5.34 -4.74
C THR B 73 -2.42 -4.72 -3.46
N GLU B 74 -3.05 -3.62 -3.02
CA GLU B 74 -2.61 -2.89 -1.85
C GLU B 74 -2.99 -3.61 -0.56
N ARG B 75 -2.18 -3.38 0.47
CA ARG B 75 -2.49 -3.71 1.86
C ARG B 75 -3.18 -5.06 2.01
N VAL B 76 -2.51 -6.09 1.52
CA VAL B 76 -3.07 -7.45 1.54
C VAL B 76 -2.85 -8.01 2.94
N THR B 77 -3.81 -7.80 3.83
CA THR B 77 -3.72 -8.28 5.20
C THR B 77 -4.45 -9.60 5.40
N LEU B 78 -4.85 -10.25 4.30
CA LEU B 78 -5.55 -11.52 4.40
C LEU B 78 -4.68 -12.58 5.05
N THR B 79 -5.32 -13.50 5.76
CA THR B 79 -4.63 -14.55 6.46
C THR B 79 -4.84 -15.95 5.88
N ARG B 80 -5.93 -16.16 5.14
CA ARG B 80 -6.22 -17.47 4.56
C ARG B 80 -6.73 -17.28 3.14
N CYS B 81 -6.60 -18.34 2.35
CA CYS B 81 -7.15 -18.32 1.00
C CYS B 81 -8.66 -18.14 1.06
N PHE B 82 -9.17 -17.22 0.24
CA PHE B 82 -10.57 -16.83 0.26
C PHE B 82 -11.23 -17.27 -1.05
N TYR B 83 -11.99 -18.36 -0.98
CA TYR B 83 -12.77 -18.83 -2.10
C TYR B 83 -14.20 -18.34 -1.95
N LEU B 84 -14.70 -17.63 -2.97
CA LEU B 84 -16.05 -17.08 -2.89
C LEU B 84 -17.09 -18.19 -2.79
N PHE B 85 -16.90 -19.27 -3.55
CA PHE B 85 -17.85 -20.37 -3.64
C PHE B 85 -19.24 -19.82 -3.97
N PRO B 86 -19.47 -19.34 -5.19
CA PRO B 86 -20.78 -18.76 -5.51
C PRO B 86 -21.87 -19.81 -5.58
N GLY B 87 -22.74 -19.84 -4.57
CA GLY B 87 -23.73 -20.90 -4.49
C GLY B 87 -23.15 -22.27 -4.25
N HIS B 88 -21.94 -22.34 -3.69
CA HIS B 88 -21.25 -23.60 -3.44
C HIS B 88 -21.15 -24.43 -4.70
N ALA C 1 3.55 -20.78 -18.37
CA ALA C 1 4.26 -19.50 -18.33
C ALA C 1 3.79 -18.66 -17.15
N GLU C 2 3.51 -19.32 -16.03
CA GLU C 2 3.07 -18.65 -14.81
C GLU C 2 4.17 -18.57 -13.76
N ILE C 3 5.39 -18.94 -14.10
CA ILE C 3 6.52 -18.95 -13.17
C ILE C 3 7.64 -18.11 -13.76
N TYR C 4 8.23 -17.25 -12.92
CA TYR C 4 9.31 -16.39 -13.39
C TYR C 4 10.52 -17.24 -13.78
N PRO C 5 11.33 -16.76 -14.73
CA PRO C 5 12.46 -17.56 -15.20
C PRO C 5 13.52 -17.76 -14.13
N ILE C 6 14.11 -18.95 -14.13
CA ILE C 6 15.23 -19.30 -13.25
C ILE C 6 16.31 -19.92 -14.12
N MET C 7 17.49 -19.32 -14.14
CA MET C 7 18.56 -19.77 -15.01
C MET C 7 19.51 -20.70 -14.27
N ASP C 8 20.64 -21.02 -14.91
CA ASP C 8 21.58 -22.00 -14.38
C ASP C 8 22.19 -21.51 -13.08
N LYS C 9 22.45 -22.45 -12.16
CA LYS C 9 23.10 -22.11 -10.90
C LYS C 9 24.52 -21.59 -11.12
N SER C 10 25.27 -22.25 -12.01
CA SER C 10 26.69 -21.96 -12.15
C SER C 10 26.99 -20.63 -12.84
N SER C 11 25.98 -19.97 -13.40
CA SER C 11 26.21 -18.71 -14.10
C SER C 11 25.42 -17.54 -13.54
N ARG C 12 24.36 -17.77 -12.79
CA ARG C 12 23.58 -16.67 -12.23
C ARG C 12 24.40 -15.94 -11.16
N THR C 13 24.31 -14.62 -11.18
CA THR C 13 24.95 -13.77 -10.17
C THR C 13 23.89 -12.81 -9.63
N ARG C 14 23.13 -13.27 -8.65
CA ARG C 14 22.14 -12.41 -8.03
C ARG C 14 22.80 -11.44 -7.06
N LEU C 15 22.00 -10.48 -6.59
CA LEU C 15 22.48 -9.52 -5.60
C LEU C 15 21.32 -9.17 -4.69
N ALA C 16 21.50 -9.37 -3.38
CA ALA C 16 20.52 -9.01 -2.38
C ALA C 16 21.14 -8.06 -1.38
N LEU C 17 20.43 -6.99 -1.06
CA LEU C 17 20.91 -5.99 -0.13
C LEU C 17 20.18 -6.10 1.20
N ILE C 18 20.92 -5.97 2.29
CA ILE C 18 20.37 -6.02 3.65
C ILE C 18 20.84 -4.78 4.37
N ILE C 19 19.95 -3.85 4.62
CA ILE C 19 20.28 -2.64 5.37
C ILE C 19 19.68 -2.75 6.76
N CYS C 20 20.48 -2.41 7.76
CA CYS C 20 20.02 -2.40 9.14
C CYS C 20 20.55 -1.15 9.83
N ASN C 21 19.77 -0.64 10.78
CA ASN C 21 20.17 0.51 11.58
C ASN C 21 20.15 0.09 13.05
N GLU C 22 21.33 -0.16 13.60
CA GLU C 22 21.47 -0.59 14.99
C GLU C 22 21.86 0.55 15.92
N GLU C 23 22.91 1.28 15.60
CA GLU C 23 23.34 2.41 16.40
C GLU C 23 22.68 3.69 15.92
N PHE C 24 22.34 4.57 16.86
CA PHE C 24 21.72 5.84 16.56
C PHE C 24 22.37 6.92 17.41
N ASP C 25 22.19 8.17 16.98
CA ASP C 25 22.74 9.31 17.70
C ASP C 25 21.72 10.04 18.56
N SER C 26 20.43 9.75 18.39
CA SER C 26 19.41 10.35 19.24
C SER C 26 18.31 9.37 19.62
N ILE C 27 18.52 8.07 19.39
CA ILE C 27 17.49 7.06 19.63
C ILE C 27 18.12 5.90 20.39
N PRO C 28 17.38 5.25 21.29
CA PRO C 28 17.93 4.04 21.93
C PRO C 28 18.23 2.95 20.91
N ARG C 29 19.24 2.14 21.23
CA ARG C 29 19.78 1.17 20.28
C ARG C 29 18.77 0.07 19.98
N ARG C 30 18.93 -0.54 18.80
CA ARG C 30 18.13 -1.69 18.40
C ARG C 30 18.91 -2.96 18.72
N THR C 31 18.81 -3.38 19.97
CA THR C 31 19.48 -4.60 20.39
C THR C 31 18.88 -5.81 19.69
N GLY C 32 19.70 -6.83 19.48
CA GLY C 32 19.28 -8.03 18.79
C GLY C 32 19.39 -7.98 17.29
N ALA C 33 19.77 -6.83 16.71
CA ALA C 33 19.90 -6.74 15.26
C ALA C 33 21.04 -7.60 14.75
N GLU C 34 22.01 -7.94 15.59
CA GLU C 34 23.13 -8.77 15.16
C GLU C 34 22.67 -10.16 14.76
N VAL C 35 21.82 -10.78 15.58
CA VAL C 35 21.27 -12.08 15.24
C VAL C 35 20.41 -11.99 13.99
N ASP C 36 19.69 -10.87 13.83
CA ASP C 36 18.89 -10.67 12.62
C ASP C 36 19.77 -10.67 11.39
N ILE C 37 20.86 -9.90 11.43
CA ILE C 37 21.80 -9.84 10.31
C ILE C 37 22.35 -11.23 10.01
N THR C 38 22.80 -11.94 11.05
CA THR C 38 23.41 -13.25 10.84
C THR C 38 22.42 -14.22 10.21
N GLY C 39 21.21 -14.28 10.74
CA GLY C 39 20.22 -15.21 10.21
C GLY C 39 19.81 -14.88 8.80
N MET C 40 19.55 -13.59 8.53
CA MET C 40 19.16 -13.18 7.19
C MET C 40 20.25 -13.49 6.17
N THR C 41 21.51 -13.17 6.53
CA THR C 41 22.62 -13.44 5.62
C THR C 41 22.78 -14.93 5.38
N MET C 42 22.69 -15.75 6.43
CA MET C 42 22.85 -17.18 6.25
C MET C 42 21.75 -17.75 5.37
N LEU C 43 20.50 -17.32 5.59
CA LEU C 43 19.40 -17.83 4.77
C LEU C 43 19.54 -17.39 3.32
N LEU C 44 19.91 -16.13 3.08
CA LEU C 44 20.08 -15.67 1.71
C LEU C 44 21.23 -16.38 1.02
N GLN C 45 22.33 -16.62 1.75
CA GLN C 45 23.44 -17.37 1.17
C GLN C 45 23.04 -18.79 0.85
N ASN C 46 22.18 -19.39 1.68
CA ASN C 46 21.59 -20.68 1.33
C ASN C 46 20.78 -20.57 0.06
N LEU C 47 20.02 -19.48 -0.09
CA LEU C 47 19.22 -19.28 -1.29
C LEU C 47 20.11 -19.14 -2.52
N GLY C 48 21.24 -18.43 -2.38
CA GLY C 48 22.15 -18.26 -3.49
C GLY C 48 22.38 -16.81 -3.88
N TYR C 49 22.21 -15.90 -2.93
CA TYR C 49 22.33 -14.48 -3.18
C TYR C 49 23.63 -13.95 -2.59
N SER C 50 24.35 -13.15 -3.37
CA SER C 50 25.53 -12.46 -2.88
C SER C 50 25.09 -11.28 -2.03
N VAL C 51 25.01 -11.49 -0.72
CA VAL C 51 24.46 -10.48 0.17
C VAL C 51 25.40 -9.28 0.27
N ASP C 52 24.88 -8.19 0.83
CA ASP C 52 25.63 -6.96 1.01
C ASP C 52 25.08 -6.32 2.28
N VAL C 53 25.80 -6.45 3.38
CA VAL C 53 25.36 -5.91 4.65
C VAL C 53 25.84 -4.48 4.79
N LYS C 54 24.93 -3.59 5.17
CA LYS C 54 25.25 -2.21 5.48
C LYS C 54 24.60 -1.82 6.80
N LYS C 55 25.31 -1.05 7.60
CA LYS C 55 24.84 -0.69 8.94
C LYS C 55 24.99 0.81 9.16
N ASN C 56 23.99 1.40 9.81
CA ASN C 56 24.03 2.80 10.24
C ASN C 56 24.25 3.75 9.06
N LEU C 57 23.26 3.81 8.19
CA LEU C 57 23.30 4.67 7.01
C LEU C 57 22.24 5.75 7.15
N THR C 58 22.61 6.99 6.84
CA THR C 58 21.63 8.06 6.76
C THR C 58 20.78 7.89 5.49
N ALA C 59 19.65 8.61 5.45
CA ALA C 59 18.76 8.49 4.31
C ALA C 59 19.45 8.89 3.01
N SER C 60 20.31 9.92 3.06
CA SER C 60 21.09 10.26 1.88
C SER C 60 22.03 9.12 1.50
N ASP C 61 22.72 8.54 2.48
CA ASP C 61 23.53 7.36 2.23
C ASP C 61 22.67 6.19 1.77
N MET C 62 21.48 6.05 2.34
CA MET C 62 20.54 5.03 1.86
C MET C 62 20.29 5.19 0.37
N THR C 63 19.99 6.42 -0.06
CA THR C 63 19.65 6.66 -1.46
C THR C 63 20.84 6.40 -2.38
N THR C 64 22.03 6.91 -2.01
CA THR C 64 23.17 6.70 -2.90
C THR C 64 23.57 5.24 -2.96
N GLU C 65 23.47 4.52 -1.85
CA GLU C 65 23.76 3.08 -1.89
C GLU C 65 22.72 2.32 -2.71
N LEU C 66 21.45 2.75 -2.64
CA LEU C 66 20.43 2.12 -3.48
C LEU C 66 20.72 2.33 -4.96
N GLU C 67 21.13 3.55 -5.32
CA GLU C 67 21.47 3.83 -6.71
C GLU C 67 22.69 3.02 -7.14
N ALA C 68 23.69 2.90 -6.26
CA ALA C 68 24.86 2.08 -6.58
C ALA C 68 24.46 0.63 -6.76
N PHE C 69 23.56 0.12 -5.93
CA PHE C 69 23.08 -1.24 -6.07
C PHE C 69 22.33 -1.44 -7.39
N ALA C 70 21.52 -0.46 -7.77
CA ALA C 70 20.81 -0.54 -9.04
C ALA C 70 21.79 -0.53 -10.22
N HIS C 71 22.86 0.24 -10.10
CA HIS C 71 23.82 0.40 -11.19
C HIS C 71 24.87 -0.70 -11.23
N ARG C 72 24.86 -1.64 -10.30
CA ARG C 72 25.88 -2.66 -10.26
C ARG C 72 25.79 -3.56 -11.50
N PRO C 73 26.93 -3.97 -12.11
CA PRO C 73 26.88 -4.73 -13.37
C PRO C 73 26.51 -6.21 -13.20
N GLU C 74 26.19 -6.64 -11.98
CA GLU C 74 25.76 -8.02 -11.80
C GLU C 74 24.26 -8.21 -12.04
N HIS C 75 23.48 -7.13 -12.09
CA HIS C 75 22.05 -7.27 -12.30
C HIS C 75 21.75 -7.85 -13.67
N LYS C 76 22.57 -7.52 -14.68
CA LYS C 76 22.32 -8.00 -16.04
C LYS C 76 22.40 -9.52 -16.13
N THR C 77 23.01 -10.17 -15.14
CA THR C 77 23.14 -11.63 -15.11
C THR C 77 22.34 -12.26 -13.97
N SER C 78 21.21 -11.65 -13.61
CA SER C 78 20.40 -12.12 -12.49
C SER C 78 18.95 -12.24 -12.92
N ASP C 79 18.10 -12.67 -11.97
CA ASP C 79 16.67 -12.75 -12.23
C ASP C 79 15.81 -12.25 -11.08
N SER C 80 16.39 -11.78 -9.99
CA SER C 80 15.59 -11.30 -8.86
C SER C 80 16.48 -10.42 -7.99
N THR C 81 15.93 -10.01 -6.85
CA THR C 81 16.68 -9.25 -5.86
C THR C 81 15.91 -9.31 -4.54
N PHE C 82 16.61 -8.95 -3.46
CA PHE C 82 16.01 -8.83 -2.15
C PHE C 82 16.55 -7.58 -1.48
N LEU C 83 15.67 -6.80 -0.86
CA LEU C 83 16.06 -5.59 -0.15
C LEU C 83 15.46 -5.68 1.25
N VAL C 84 16.16 -6.33 2.16
CA VAL C 84 15.69 -6.50 3.53
C VAL C 84 16.06 -5.25 4.32
N PHE C 85 15.05 -4.46 4.70
CA PHE C 85 15.23 -3.28 5.51
C PHE C 85 14.78 -3.58 6.93
N MET C 86 15.64 -3.30 7.90
CA MET C 86 15.27 -3.48 9.31
C MET C 86 15.82 -2.31 10.11
N SER C 87 14.95 -1.46 10.59
CA SER C 87 15.32 -0.31 11.41
C SER C 87 14.07 0.18 12.14
N HIS C 88 14.19 1.30 12.82
CA HIS C 88 13.03 1.96 13.38
C HIS C 88 12.19 2.56 12.26
N GLY C 89 10.93 2.84 12.56
CA GLY C 89 10.02 3.37 11.56
C GLY C 89 8.86 4.11 12.19
N ILE C 90 8.36 5.10 11.47
CA ILE C 90 7.19 5.86 11.88
C ILE C 90 6.15 5.76 10.77
N ARG C 91 5.04 6.48 10.92
CA ARG C 91 3.96 6.43 9.93
C ARG C 91 4.47 6.73 8.53
N GLU C 92 5.42 7.67 8.41
CA GLU C 92 5.93 8.04 7.09
C GLU C 92 6.69 6.88 6.44
N GLY C 93 7.62 6.28 7.18
CA GLY C 93 8.40 5.19 6.59
C GLY C 93 9.60 4.83 7.47
N ILE C 94 10.67 4.42 6.79
CA ILE C 94 11.84 3.89 7.47
C ILE C 94 12.62 5.02 8.11
N CYS C 95 13.22 4.73 9.28
CA CYS C 95 14.00 5.73 10.00
C CYS C 95 15.48 5.54 9.72
N GLY C 96 16.18 6.66 9.51
CA GLY C 96 17.61 6.64 9.30
C GLY C 96 18.38 6.62 10.60
N LYS C 97 19.71 6.63 10.47
CA LYS C 97 20.56 6.59 11.65
C LYS C 97 20.57 7.93 12.38
N LYS C 98 20.23 9.02 11.70
CA LYS C 98 20.24 10.35 12.29
C LYS C 98 18.83 10.87 12.57
N HIS C 99 17.86 9.96 12.76
CA HIS C 99 16.49 10.39 12.98
C HIS C 99 16.35 11.14 14.30
N SER C 100 15.46 12.13 14.30
CA SER C 100 15.12 12.88 15.49
C SER C 100 13.75 13.52 15.30
N GLU C 101 13.12 13.88 16.41
CA GLU C 101 11.84 14.57 16.33
C GLU C 101 11.99 15.95 15.70
N GLN C 102 13.04 16.68 16.08
CA GLN C 102 13.21 18.05 15.59
C GLN C 102 13.46 18.08 14.10
N VAL C 103 14.39 17.25 13.61
CA VAL C 103 14.62 17.14 12.18
C VAL C 103 14.39 15.67 11.78
N PRO C 104 13.40 15.40 10.93
CA PRO C 104 13.16 14.03 10.49
C PRO C 104 14.08 13.66 9.34
N ASP C 105 14.44 12.38 9.30
CA ASP C 105 15.27 11.83 8.21
C ASP C 105 14.68 10.45 7.87
N ILE C 106 13.72 10.44 6.96
CA ILE C 106 12.90 9.27 6.66
C ILE C 106 13.14 8.85 5.22
N LEU C 107 13.43 7.56 5.03
CA LEU C 107 13.47 6.96 3.70
C LEU C 107 12.11 6.32 3.45
N GLN C 108 11.29 6.96 2.63
CA GLN C 108 9.93 6.49 2.39
C GLN C 108 9.94 5.20 1.57
N LEU C 109 8.90 4.39 1.74
CA LEU C 109 8.76 3.19 0.92
C LEU C 109 8.53 3.56 -0.54
N ASN C 110 7.83 4.68 -0.79
CA ASN C 110 7.62 5.12 -2.16
C ASN C 110 8.94 5.40 -2.87
N ALA C 111 9.90 6.02 -2.15
CA ALA C 111 11.19 6.28 -2.75
C ALA C 111 11.93 4.98 -3.07
N ILE C 112 11.82 3.98 -2.18
CA ILE C 112 12.47 2.69 -2.44
C ILE C 112 11.89 2.05 -3.68
N PHE C 113 10.56 2.09 -3.83
CA PHE C 113 9.94 1.55 -5.04
C PHE C 113 10.35 2.35 -6.27
N ASN C 114 10.44 3.68 -6.14
CA ASN C 114 10.75 4.53 -7.27
C ASN C 114 12.17 4.29 -7.79
N MET C 115 13.12 4.13 -6.89
CA MET C 115 14.52 3.96 -7.28
C MET C 115 14.85 2.52 -7.65
N LEU C 116 13.84 1.70 -7.96
CA LEU C 116 14.08 0.37 -8.49
C LEU C 116 13.15 0.01 -9.65
N ASN C 117 12.46 0.98 -10.24
CA ASN C 117 11.58 0.70 -11.36
C ASN C 117 12.40 0.48 -12.63
N THR C 118 11.68 0.32 -13.75
CA THR C 118 12.37 0.05 -15.01
C THR C 118 13.10 1.28 -15.54
N LYS C 119 12.60 2.49 -15.25
CA LYS C 119 13.26 3.69 -15.73
C LYS C 119 14.59 3.90 -15.04
N ASN C 120 14.61 3.82 -13.71
CA ASN C 120 15.83 4.11 -12.97
C ASN C 120 16.76 2.91 -12.86
N CYS C 121 16.22 1.70 -12.99
CA CYS C 121 17.01 0.47 -12.90
C CYS C 121 16.66 -0.40 -14.09
N PRO C 122 17.12 -0.04 -15.29
CA PRO C 122 16.74 -0.79 -16.49
C PRO C 122 17.25 -2.22 -16.50
N SER C 123 18.26 -2.54 -15.70
CA SER C 123 18.81 -3.90 -15.68
C SER C 123 17.88 -4.90 -15.00
N LEU C 124 16.81 -4.44 -14.36
CA LEU C 124 15.91 -5.31 -13.61
C LEU C 124 14.54 -5.44 -14.27
N LYS C 125 14.47 -5.23 -15.59
CA LYS C 125 13.21 -5.33 -16.30
C LYS C 125 12.66 -6.76 -16.22
N ASP C 126 11.38 -6.86 -15.89
CA ASP C 126 10.68 -8.14 -15.73
C ASP C 126 11.49 -9.01 -14.77
N LYS C 127 11.72 -8.50 -13.57
CA LYS C 127 12.46 -9.20 -12.53
C LYS C 127 11.92 -8.73 -11.19
N PRO C 128 11.53 -9.65 -10.31
CA PRO C 128 10.90 -9.26 -9.04
C PRO C 128 11.83 -8.46 -8.16
N LYS C 129 11.24 -7.56 -7.37
CA LYS C 129 11.95 -6.80 -6.34
C LYS C 129 11.27 -7.13 -5.02
N VAL C 130 11.67 -8.24 -4.41
CA VAL C 130 11.01 -8.72 -3.20
C VAL C 130 11.56 -7.97 -2.00
N ILE C 131 10.92 -6.86 -1.64
CA ILE C 131 11.38 -6.02 -0.55
C ILE C 131 10.85 -6.57 0.77
N ILE C 132 11.70 -6.56 1.79
CA ILE C 132 11.34 -6.99 3.14
C ILE C 132 11.64 -5.84 4.09
N ILE C 133 10.66 -5.46 4.91
CA ILE C 133 10.80 -4.34 5.81
C ILE C 133 10.45 -4.77 7.22
N GLN C 134 11.25 -4.35 8.19
CA GLN C 134 11.02 -4.58 9.62
C GLN C 134 11.10 -3.23 10.31
N ALA C 135 9.97 -2.54 10.42
CA ALA C 135 9.94 -1.24 11.06
C ALA C 135 8.51 -0.95 11.49
N CYS C 136 8.38 -0.16 12.55
CA CYS C 136 7.06 0.25 13.02
C CYS C 136 6.46 1.27 12.05
N ARG C 137 5.13 1.42 12.13
CA ARG C 137 4.41 2.35 11.30
C ARG C 137 3.42 3.19 12.10
N GLY C 138 3.49 3.18 13.42
CA GLY C 138 2.55 3.94 14.22
C GLY C 138 2.78 3.73 15.69
N ASP C 139 1.78 4.13 16.49
CA ASP C 139 1.83 4.00 17.94
C ASP C 139 0.91 2.94 18.51
N SER C 140 -0.20 2.65 17.84
CA SER C 140 -1.20 1.76 18.41
C SER C 140 -0.62 0.36 18.58
N PRO C 141 -0.87 -0.30 19.71
CA PRO C 141 -0.42 -1.68 19.89
C PRO C 141 -0.89 -2.64 18.81
N GLY C 142 -1.79 -2.23 17.92
CA GLY C 142 -2.29 -3.10 16.88
C GLY C 142 -3.42 -4.00 17.29
N VAL C 143 -3.90 -3.91 18.53
CA VAL C 143 -4.99 -4.74 19.01
C VAL C 143 -6.03 -3.84 19.66
N VAL C 144 -7.28 -4.30 19.64
CA VAL C 144 -8.39 -3.57 20.24
C VAL C 144 -9.25 -4.56 21.01
N TRP C 145 -10.00 -4.03 21.97
CA TRP C 145 -10.88 -4.84 22.82
C TRP C 145 -12.32 -4.48 22.53
N PHE C 146 -13.11 -5.46 22.11
CA PHE C 146 -14.50 -5.25 21.77
C PHE C 146 -15.39 -6.20 22.56
N LYS C 147 -16.52 -5.68 23.02
CA LYS C 147 -17.46 -6.46 23.83
C LYS C 147 -18.23 -7.40 22.93
N ASP C 148 -17.97 -8.70 23.06
CA ASP C 148 -18.71 -9.70 22.31
C ASP C 148 -19.90 -10.20 23.12
N ALA D 1 14.41 -1.31 -30.60
CA ALA D 1 15.42 -0.79 -29.70
C ALA D 1 14.80 -0.18 -28.44
N ILE D 2 13.51 0.17 -28.52
CA ILE D 2 12.83 0.86 -27.44
C ILE D 2 11.49 0.18 -27.18
N LYS D 3 11.23 -0.13 -25.90
CA LYS D 3 9.99 -0.76 -25.44
C LYS D 3 9.32 0.11 -24.39
N LYS D 4 8.22 -0.42 -23.84
CA LYS D 4 7.41 0.26 -22.83
C LYS D 4 7.70 -0.25 -21.42
N ALA D 5 7.60 -1.56 -21.23
CA ALA D 5 8.13 -2.31 -20.08
C ALA D 5 7.38 -2.10 -18.77
N HIS D 6 6.36 -1.24 -18.72
CA HIS D 6 5.55 -1.07 -17.51
C HIS D 6 6.37 -0.66 -16.28
N ILE D 7 6.87 0.58 -16.32
CA ILE D 7 7.52 1.18 -15.17
C ILE D 7 6.82 0.77 -13.87
N GLU D 8 7.58 0.17 -12.96
CA GLU D 8 7.04 -0.40 -11.71
C GLU D 8 6.07 -1.54 -12.04
N LYS D 9 6.62 -2.59 -12.66
CA LYS D 9 5.83 -3.75 -13.05
C LYS D 9 5.91 -4.90 -12.05
N ASP D 10 7.10 -5.25 -11.58
CA ASP D 10 7.27 -6.39 -10.69
C ASP D 10 7.78 -5.88 -9.35
N PHE D 11 6.97 -6.06 -8.31
CA PHE D 11 7.29 -5.59 -6.97
C PHE D 11 6.46 -6.36 -5.97
N ILE D 12 7.06 -6.69 -4.82
CA ILE D 12 6.28 -7.14 -3.68
C ILE D 12 6.91 -6.60 -2.40
N ALA D 13 6.29 -5.59 -1.82
CA ALA D 13 6.72 -5.16 -0.50
C ALA D 13 6.17 -6.12 0.55
N PHE D 14 6.79 -6.12 1.73
CA PHE D 14 6.30 -6.92 2.84
C PHE D 14 6.67 -6.19 4.13
N CYS D 15 5.74 -5.38 4.62
CA CYS D 15 5.99 -4.64 5.84
C CYS D 15 5.84 -5.56 7.05
N SER D 16 6.41 -5.12 8.18
CA SER D 16 6.34 -5.92 9.39
C SER D 16 4.97 -5.83 10.03
N SER D 17 4.33 -4.67 9.95
CA SER D 17 3.03 -4.46 10.58
C SER D 17 2.13 -3.68 9.63
N THR D 18 0.84 -3.69 9.94
CA THR D 18 -0.10 -2.89 9.18
C THR D 18 0.16 -1.41 9.45
N PRO D 19 -0.30 -0.52 8.56
CA PRO D 19 -0.13 0.91 8.82
C PRO D 19 -0.75 1.32 10.14
N ASP D 20 -0.02 2.16 10.88
CA ASP D 20 -0.45 2.72 12.15
C ASP D 20 -0.54 1.65 13.24
N ASN D 21 0.48 0.80 13.31
CA ASN D 21 0.64 -0.13 14.43
C ASN D 21 2.13 -0.22 14.76
N VAL D 22 2.48 -1.23 15.56
CA VAL D 22 3.81 -1.38 16.14
C VAL D 22 4.30 -2.80 15.91
N SER D 23 5.59 -2.94 15.61
CA SER D 23 6.23 -4.23 15.43
C SER D 23 7.25 -4.45 16.53
N TRP D 24 7.27 -5.66 17.07
CA TRP D 24 8.09 -6.00 18.23
C TRP D 24 9.40 -6.65 17.81
N ARG D 25 10.30 -6.79 18.78
CA ARG D 25 11.63 -7.37 18.54
C ARG D 25 12.19 -7.91 19.85
N HIS D 26 12.52 -9.20 19.85
CA HIS D 26 13.10 -9.84 21.03
C HIS D 26 14.55 -9.37 21.21
N PRO D 27 14.95 -8.96 22.41
CA PRO D 27 16.28 -8.37 22.58
C PRO D 27 17.43 -9.31 22.25
N THR D 28 17.25 -10.61 22.38
CA THR D 28 18.34 -11.56 22.15
C THR D 28 18.02 -12.57 21.05
N MET D 29 16.79 -13.06 20.99
CA MET D 29 16.44 -14.04 19.96
C MET D 29 16.42 -13.42 18.56
N GLY D 30 16.24 -12.11 18.49
CA GLY D 30 16.11 -11.42 17.22
C GLY D 30 14.69 -10.95 16.99
N SER D 31 14.51 -10.19 15.90
CA SER D 31 13.19 -9.67 15.57
C SER D 31 12.22 -10.81 15.36
N VAL D 32 11.05 -10.71 16.01
CA VAL D 32 10.06 -11.77 15.92
C VAL D 32 9.55 -11.91 14.49
N PHE D 33 9.27 -10.78 13.82
CA PHE D 33 8.83 -10.85 12.43
C PHE D 33 9.91 -11.48 11.56
N ILE D 34 11.15 -11.02 11.71
CA ILE D 34 12.24 -11.57 10.91
C ILE D 34 12.48 -13.02 11.27
N GLY D 35 12.37 -13.36 12.56
CA GLY D 35 12.55 -14.75 12.96
C GLY D 35 11.54 -15.67 12.30
N ARG D 36 10.26 -15.30 12.34
CA ARG D 36 9.24 -16.10 11.69
C ARG D 36 9.44 -16.14 10.17
N LEU D 37 9.87 -15.02 9.58
CA LEU D 37 10.11 -14.99 8.15
C LEU D 37 11.22 -15.98 7.76
N ILE D 38 12.34 -15.95 8.49
CA ILE D 38 13.43 -16.86 8.14
C ILE D 38 13.06 -18.29 8.45
N GLU D 39 12.25 -18.54 9.49
CA GLU D 39 11.80 -19.91 9.74
C GLU D 39 10.95 -20.41 8.58
N HIS D 40 10.04 -19.57 8.08
CA HIS D 40 9.18 -19.99 6.98
C HIS D 40 9.95 -20.13 5.67
N MET D 41 11.01 -19.33 5.48
CA MET D 41 11.83 -19.54 4.29
C MET D 41 12.72 -20.77 4.43
N GLN D 42 13.11 -21.13 5.65
CA GLN D 42 13.85 -22.37 5.85
C GLN D 42 12.97 -23.59 5.64
N GLU D 43 11.69 -23.50 5.97
CA GLU D 43 10.80 -24.66 5.90
C GLU D 43 10.01 -24.78 4.60
N TYR D 44 9.58 -23.67 4.00
CA TYR D 44 8.59 -23.70 2.93
C TYR D 44 9.10 -23.18 1.59
N ALA D 45 10.30 -22.61 1.54
CA ALA D 45 10.74 -21.94 0.31
C ALA D 45 10.86 -22.90 -0.87
N CYS D 46 10.91 -24.21 -0.63
CA CYS D 46 11.00 -25.18 -1.70
C CYS D 46 9.64 -25.67 -2.18
N SER D 47 8.54 -25.25 -1.55
CA SER D 47 7.22 -25.72 -1.95
C SER D 47 6.16 -24.64 -1.95
N CYS D 48 6.48 -23.38 -1.67
CA CYS D 48 5.51 -22.30 -1.70
C CYS D 48 6.20 -21.02 -2.17
N ASP D 49 5.52 -20.29 -3.05
CA ASP D 49 6.10 -19.08 -3.61
C ASP D 49 6.16 -17.98 -2.55
N VAL D 50 6.68 -16.82 -2.97
CA VAL D 50 6.85 -15.70 -2.05
C VAL D 50 5.50 -15.21 -1.53
N GLU D 51 4.49 -15.14 -2.40
CA GLU D 51 3.18 -14.68 -1.98
C GLU D 51 2.60 -15.58 -0.89
N GLU D 52 2.59 -16.89 -1.13
CA GLU D 52 2.00 -17.81 -0.16
C GLU D 52 2.87 -17.95 1.08
N ILE D 53 4.19 -17.79 0.95
CA ILE D 53 5.04 -17.79 2.13
C ILE D 53 4.72 -16.59 3.01
N PHE D 54 4.53 -15.42 2.39
CA PHE D 54 4.17 -14.25 3.16
C PHE D 54 2.78 -14.42 3.78
N ARG D 55 1.88 -15.11 3.07
CA ARG D 55 0.57 -15.40 3.64
C ARG D 55 0.69 -16.33 4.86
N LYS D 56 1.55 -17.34 4.78
CA LYS D 56 1.79 -18.19 5.93
C LYS D 56 2.34 -17.41 7.11
N VAL D 57 3.29 -16.51 6.85
CA VAL D 57 3.82 -15.67 7.92
C VAL D 57 2.72 -14.81 8.52
N ARG D 58 1.85 -14.25 7.66
CA ARG D 58 0.76 -13.42 8.16
C ARG D 58 -0.20 -14.23 9.02
N PHE D 59 -0.54 -15.44 8.59
CA PHE D 59 -1.47 -16.27 9.34
C PHE D 59 -0.85 -16.72 10.67
N SER D 60 0.46 -16.89 10.70
CA SER D 60 1.13 -17.28 11.94
C SER D 60 1.02 -16.21 13.02
N PHE D 61 0.64 -14.99 12.67
CA PHE D 61 0.44 -13.91 13.63
C PHE D 61 -1.03 -13.61 13.88
N GLU D 62 -1.93 -14.55 13.54
CA GLU D 62 -3.36 -14.26 13.58
C GLU D 62 -3.85 -14.09 15.01
N GLN D 63 -3.73 -15.14 15.82
CA GLN D 63 -4.25 -15.07 17.17
C GLN D 63 -3.33 -14.24 18.04
N PRO D 64 -3.80 -13.14 18.62
CA PRO D 64 -2.92 -12.29 19.44
C PRO D 64 -2.42 -13.04 20.67
N ASP D 65 -1.17 -12.74 21.03
CA ASP D 65 -0.50 -13.36 22.17
C ASP D 65 0.13 -12.30 23.06
N GLY D 66 -0.61 -11.23 23.31
CA GLY D 66 -0.03 -10.12 24.08
C GLY D 66 0.64 -9.13 23.15
N ARG D 67 1.94 -9.29 22.90
CA ARG D 67 2.61 -8.41 21.92
C ARG D 67 2.18 -8.87 20.51
N ALA D 68 1.03 -8.40 20.03
CA ALA D 68 0.50 -8.84 18.76
C ALA D 68 0.86 -7.87 17.64
N GLN D 69 1.05 -8.43 16.46
CA GLN D 69 1.32 -7.63 15.26
C GLN D 69 0.84 -8.42 14.05
N MET D 70 0.80 -7.74 12.91
CA MET D 70 0.15 -8.27 11.72
C MET D 70 0.93 -7.86 10.47
N PRO D 71 1.70 -8.77 9.87
CA PRO D 71 2.43 -8.42 8.64
C PRO D 71 1.49 -8.01 7.52
N THR D 72 1.98 -7.12 6.67
CA THR D 72 1.20 -6.55 5.58
C THR D 72 1.98 -6.69 4.27
N THR D 73 1.28 -7.09 3.21
CA THR D 73 1.89 -7.30 1.89
C THR D 73 1.52 -6.10 1.02
N GLU D 74 2.33 -5.05 1.11
CA GLU D 74 2.06 -3.81 0.38
C GLU D 74 2.39 -3.94 -1.11
N ARG D 75 1.59 -3.24 -1.92
CA ARG D 75 1.90 -2.97 -3.33
C ARG D 75 2.33 -4.24 -4.08
N VAL D 76 1.57 -5.30 -3.90
CA VAL D 76 1.87 -6.56 -4.58
C VAL D 76 1.56 -6.40 -6.06
N THR D 77 2.60 -6.25 -6.88
CA THR D 77 2.44 -6.05 -8.31
C THR D 77 2.98 -7.23 -9.11
N LEU D 78 3.23 -8.36 -8.46
CA LEU D 78 3.73 -9.54 -9.15
C LEU D 78 2.74 -10.00 -10.21
N THR D 79 3.28 -10.47 -11.34
CA THR D 79 2.46 -10.99 -12.42
C THR D 79 2.42 -12.52 -12.45
N ARG D 80 3.49 -13.16 -11.99
CA ARG D 80 3.57 -14.62 -11.99
C ARG D 80 4.01 -15.10 -10.61
N CYS D 81 3.66 -16.35 -10.31
CA CYS D 81 4.11 -16.98 -9.08
C CYS D 81 5.64 -17.05 -9.07
N PHE D 82 6.23 -16.65 -7.95
CA PHE D 82 7.68 -16.51 -7.85
C PHE D 82 8.22 -17.56 -6.90
N TYR D 83 8.77 -18.63 -7.46
CA TYR D 83 9.44 -19.67 -6.68
C TYR D 83 10.93 -19.35 -6.65
N LEU D 84 11.48 -19.19 -5.44
CA LEU D 84 12.89 -18.87 -5.30
C LEU D 84 13.77 -19.98 -5.85
N PHE D 85 13.34 -21.23 -5.69
CA PHE D 85 14.09 -22.41 -6.11
C PHE D 85 15.51 -22.37 -5.54
N PRO D 86 15.67 -22.52 -4.23
CA PRO D 86 17.02 -22.42 -3.64
C PRO D 86 17.86 -23.63 -4.01
N GLY D 87 19.01 -23.36 -4.63
CA GLY D 87 19.92 -24.43 -5.00
C GLY D 87 19.35 -25.39 -6.03
N HIS D 88 18.67 -24.88 -7.05
CA HIS D 88 18.17 -25.72 -8.13
C HIS D 88 18.03 -24.90 -9.40
N VAL E 1 6.39 17.84 -13.94
CA VAL E 1 5.47 16.81 -14.39
C VAL E 1 5.88 16.30 -15.76
N GLU E 2 5.99 14.97 -15.88
CA GLU E 2 6.41 14.34 -17.14
C GLU E 2 5.19 14.19 -18.04
N ASP E 3 4.76 15.31 -18.61
CA ASP E 3 3.64 15.31 -19.53
C ASP E 3 4.03 14.57 -20.81
N ASN E 4 3.44 13.38 -21.01
CA ASN E 4 3.75 12.55 -22.14
C ASN E 4 2.49 12.24 -22.92
N CYS E 5 2.59 12.28 -24.25
CA CYS E 5 1.47 11.97 -25.14
C CYS E 5 2.01 11.13 -26.30
N ILE E 6 1.99 9.81 -26.12
CA ILE E 6 2.47 8.90 -27.14
C ILE E 6 1.35 8.69 -28.17
N ASN E 7 1.67 8.90 -29.45
CA ASN E 7 0.67 8.77 -30.49
C ASN E 7 1.20 8.09 -31.75
N PHE E 8 2.41 7.54 -31.72
CA PHE E 8 3.01 6.99 -32.92
C PHE E 8 3.72 5.69 -32.57
N VAL E 9 3.56 4.68 -33.43
CA VAL E 9 4.33 3.45 -33.28
C VAL E 9 5.09 3.17 -34.56
N ALA E 10 4.35 2.87 -35.63
CA ALA E 10 4.93 2.58 -36.94
C ALA E 10 3.80 2.43 -37.95
N MET E 11 4.00 2.96 -39.15
CA MET E 11 3.00 2.83 -40.21
C MET E 11 3.64 3.26 -41.52
N LYS E 12 3.18 2.65 -42.61
CA LYS E 12 3.73 2.91 -43.93
C LYS E 12 2.94 4.00 -44.65
N PHE E 13 3.46 4.39 -45.80
CA PHE E 13 2.84 5.37 -46.69
C PHE E 13 1.84 4.67 -47.60
N ILE E 14 0.79 5.39 -47.98
CA ILE E 14 -0.22 4.89 -48.91
C ILE E 14 -0.56 6.01 -49.89
N ASP E 15 -0.61 5.65 -51.18
CA ASP E 15 -0.97 6.59 -52.25
C ASP E 15 -0.03 7.79 -52.28
N ASN E 16 1.28 7.53 -52.20
CA ASN E 16 2.31 8.56 -52.21
C ASN E 16 2.08 9.58 -51.08
N THR E 17 1.57 9.09 -49.96
CA THR E 17 1.27 9.94 -48.81
C THR E 17 1.63 9.20 -47.54
N LEU E 18 2.27 9.89 -46.61
CA LEU E 18 2.78 9.29 -45.39
C LEU E 18 1.67 9.20 -44.35
N TYR E 19 1.32 7.97 -43.96
CA TYR E 19 0.32 7.73 -42.94
C TYR E 19 0.98 7.17 -41.69
N PHE E 20 0.35 7.44 -40.54
CA PHE E 20 0.87 6.99 -39.25
C PHE E 20 -0.29 6.61 -38.35
N ILE E 21 -0.31 5.36 -37.90
CA ILE E 21 -1.32 4.91 -36.95
C ILE E 21 -0.87 5.29 -35.55
N ALA E 22 -1.80 5.27 -34.60
CA ALA E 22 -1.51 5.62 -33.22
C ALA E 22 -1.59 4.38 -32.35
N GLU E 23 -1.06 4.51 -31.13
CA GLU E 23 -1.08 3.39 -30.19
C GLU E 23 -2.51 3.04 -29.77
N ASP E 24 -3.35 4.05 -29.58
CA ASP E 24 -4.74 3.85 -29.15
C ASP E 24 -5.63 3.90 -30.38
N ASP E 25 -6.65 3.03 -30.41
CA ASP E 25 -7.61 2.98 -31.51
C ASP E 25 -9.05 3.01 -31.04
N GLU E 26 -9.29 2.91 -29.73
CA GLU E 26 -10.64 2.93 -29.19
C GLU E 26 -10.99 4.23 -28.49
N ASN E 27 -10.06 5.19 -28.46
CA ASN E 27 -10.30 6.50 -27.82
C ASN E 27 -10.70 6.34 -26.36
N LEU E 28 -9.94 5.54 -25.62
CA LEU E 28 -10.18 5.39 -24.20
C LEU E 28 -9.89 6.69 -23.46
N GLU E 29 -10.72 7.01 -22.47
CA GLU E 29 -10.60 8.25 -21.72
C GLU E 29 -9.95 7.98 -20.37
N SER E 30 -9.07 8.88 -19.95
CA SER E 30 -8.40 8.74 -18.67
C SER E 30 -9.37 9.03 -17.53
N ASP E 31 -9.12 8.39 -16.39
CA ASP E 31 -9.88 8.64 -15.17
C ASP E 31 -9.31 9.77 -14.34
N TYR E 32 -8.19 10.36 -14.75
CA TYR E 32 -7.68 11.54 -14.08
C TYR E 32 -8.65 12.70 -14.25
N PHE E 33 -8.79 13.51 -13.20
CA PHE E 33 -9.82 14.55 -13.21
C PHE E 33 -9.54 15.61 -14.27
N GLY E 34 -8.27 15.97 -14.46
CA GLY E 34 -7.93 17.00 -15.40
C GLY E 34 -7.90 16.51 -16.84
N LYS E 35 -7.87 17.47 -17.75
CA LYS E 35 -7.81 17.15 -19.17
C LYS E 35 -6.40 16.72 -19.56
N LEU E 36 -6.29 16.05 -20.70
CA LEU E 36 -5.03 15.51 -21.21
C LEU E 36 -4.87 15.84 -22.68
N GLU E 37 -5.07 17.11 -23.03
CA GLU E 37 -4.88 17.53 -24.41
C GLU E 37 -3.44 17.27 -24.86
N SER E 38 -3.30 16.63 -26.01
CA SER E 38 -1.99 16.24 -26.49
C SER E 38 -1.22 17.45 -27.00
N LYS E 39 0.10 17.40 -26.81
CA LYS E 39 0.99 18.47 -27.24
C LYS E 39 2.18 18.00 -28.07
N LEU E 40 2.65 16.77 -27.88
CA LEU E 40 3.73 16.22 -28.68
C LEU E 40 3.44 14.74 -28.93
N SER E 41 4.23 14.15 -29.84
CA SER E 41 4.11 12.73 -30.15
C SER E 41 5.42 12.30 -30.78
N VAL E 42 6.19 11.48 -30.07
CA VAL E 42 7.59 11.30 -30.43
C VAL E 42 8.00 9.86 -30.66
N ILE E 43 7.35 8.92 -29.97
CA ILE E 43 7.97 7.61 -29.78
C ILE E 43 7.88 6.79 -31.06
N ARG E 44 9.00 6.14 -31.37
CA ARG E 44 9.02 5.24 -32.54
C ARG E 44 10.07 4.16 -32.29
N ASN E 45 10.57 3.54 -33.36
CA ASN E 45 11.60 2.50 -33.29
C ASN E 45 11.08 1.22 -32.64
N LEU E 46 9.76 1.05 -32.54
CA LEU E 46 9.21 -0.19 -32.01
C LEU E 46 9.38 -1.30 -33.04
N ASN E 47 10.45 -2.07 -32.90
CA ASN E 47 10.80 -3.12 -33.86
C ASN E 47 10.94 -2.57 -35.27
N THR E 76 7.73 1.85 -43.93
CA THR E 76 7.80 1.13 -42.66
C THR E 76 9.17 1.24 -42.02
N ILE E 77 9.96 2.23 -42.44
CA ILE E 77 11.33 2.32 -41.95
C ILE E 77 11.61 3.68 -41.33
N PHE E 78 11.50 4.76 -42.13
CA PHE E 78 11.70 6.15 -41.61
C PHE E 78 13.18 6.56 -41.50
N ILE E 79 13.90 6.74 -42.62
CA ILE E 79 15.24 7.29 -42.60
C ILE E 79 15.64 8.68 -42.14
N ILE E 80 16.62 8.74 -41.24
CA ILE E 80 17.18 10.01 -40.76
C ILE E 80 18.69 9.93 -40.93
N SER E 81 19.25 10.88 -41.67
CA SER E 81 20.68 10.96 -41.89
C SER E 81 21.16 12.37 -41.60
N MET E 82 22.33 12.46 -40.97
CA MET E 82 22.90 13.75 -40.59
C MET E 82 23.92 14.21 -41.63
N TYR E 83 24.00 15.52 -41.80
CA TYR E 83 24.88 16.13 -42.77
C TYR E 83 25.70 17.22 -42.09
N LYS E 84 26.89 17.47 -42.61
CA LYS E 84 27.75 18.53 -42.09
C LYS E 84 27.65 19.75 -42.98
N ASP E 85 27.46 20.91 -42.36
CA ASP E 85 27.27 22.17 -43.07
C ASP E 85 28.53 23.02 -42.97
N SER E 86 29.02 23.49 -44.11
CA SER E 86 30.07 24.49 -44.11
C SER E 86 29.59 25.84 -43.61
N GLN E 87 28.27 26.01 -43.46
CA GLN E 87 27.66 27.24 -42.98
C GLN E 87 26.72 26.86 -41.84
N PRO E 88 27.26 26.45 -40.69
CA PRO E 88 26.42 25.80 -39.66
C PRO E 88 25.47 26.76 -38.96
N ARG E 89 24.19 26.71 -39.34
CA ARG E 89 23.12 27.41 -38.64
C ARG E 89 22.08 26.44 -38.12
N GLY E 90 22.52 25.23 -37.77
CA GLY E 90 21.61 24.18 -37.33
C GLY E 90 22.08 22.85 -37.93
N MET E 91 21.91 21.79 -37.14
CA MET E 91 22.36 20.46 -37.56
C MET E 91 21.52 20.00 -38.75
N ALA E 92 22.20 19.57 -39.82
CA ALA E 92 21.51 19.18 -41.05
C ALA E 92 21.00 17.75 -40.93
N VAL E 93 19.72 17.56 -41.19
CA VAL E 93 19.05 16.26 -41.04
C VAL E 93 18.21 16.00 -42.28
N THR E 94 18.10 14.72 -42.65
CA THR E 94 17.27 14.28 -43.78
C THR E 94 16.18 13.35 -43.29
N ILE E 95 15.05 13.35 -44.01
CA ILE E 95 14.02 12.34 -43.87
C ILE E 95 13.84 11.62 -45.19
N SER E 96 13.71 10.30 -45.13
CA SER E 96 13.41 9.49 -46.30
C SER E 96 12.62 8.27 -45.84
N VAL E 97 11.88 7.68 -46.77
CA VAL E 97 11.10 6.49 -46.50
C VAL E 97 11.32 5.50 -47.63
N LYS E 98 11.55 4.24 -47.28
CA LYS E 98 11.81 3.21 -48.29
C LYS E 98 10.58 2.96 -49.13
N CYS E 99 10.80 2.79 -50.43
CA CYS E 99 9.75 2.57 -51.41
C CYS E 99 10.22 1.45 -52.34
N GLU E 100 9.55 1.31 -53.49
CA GLU E 100 10.15 0.52 -54.56
C GLU E 100 11.51 1.10 -54.93
N LYS E 101 11.60 2.44 -54.96
CA LYS E 101 12.85 3.18 -54.94
C LYS E 101 12.71 4.28 -53.90
N ILE E 102 13.72 4.40 -53.03
CA ILE E 102 13.66 5.26 -51.85
C ILE E 102 13.08 6.62 -52.20
N SER E 103 12.20 7.12 -51.33
CA SER E 103 11.56 8.41 -51.49
C SER E 103 11.99 9.34 -50.36
N THR E 104 12.27 10.59 -50.69
CA THR E 104 12.61 11.62 -49.71
C THR E 104 11.50 12.64 -49.66
N LEU E 105 11.23 13.17 -48.46
CA LEU E 105 10.21 14.18 -48.32
C LEU E 105 10.73 15.49 -48.89
N SER E 106 9.83 16.26 -49.51
CA SER E 106 10.26 17.44 -50.24
C SER E 106 9.39 18.64 -49.86
N CYS E 107 10.00 19.82 -49.98
CA CYS E 107 9.37 21.09 -49.65
C CYS E 107 9.61 22.12 -50.75
N GLU E 108 9.34 21.76 -52.00
CA GLU E 108 9.55 22.69 -53.10
C GLU E 108 8.28 23.49 -53.36
N ASN E 109 8.45 24.80 -53.59
CA ASN E 109 7.38 25.71 -54.03
C ASN E 109 6.28 25.84 -52.99
N LYS E 110 6.66 26.02 -51.72
CA LYS E 110 5.73 26.37 -50.64
C LYS E 110 4.61 25.35 -50.46
N ILE E 111 4.87 24.08 -50.82
CA ILE E 111 3.90 23.01 -50.64
C ILE E 111 4.62 21.76 -50.16
N ILE E 112 3.84 20.83 -49.62
CA ILE E 112 4.35 19.54 -49.15
C ILE E 112 4.26 18.53 -50.27
N SER E 113 5.31 17.74 -50.44
CA SER E 113 5.36 16.74 -51.51
C SER E 113 6.37 15.66 -51.14
N PHE E 114 6.21 14.49 -51.74
CA PHE E 114 7.16 13.39 -51.60
C PHE E 114 7.84 13.19 -52.96
N LYS E 115 9.16 13.35 -53.00
CA LYS E 115 9.92 13.11 -54.22
C LYS E 115 10.70 11.80 -54.09
N GLU E 116 10.85 11.10 -55.19
CA GLU E 116 11.39 9.75 -55.20
C GLU E 116 12.91 9.82 -55.40
N MET E 117 13.54 8.65 -55.49
CA MET E 117 15.00 8.58 -55.74
C MET E 117 15.81 8.80 -54.46
N ASN E 118 17.13 8.73 -54.56
CA ASN E 118 18.04 8.84 -53.42
C ASN E 118 18.79 10.17 -53.42
N PRO E 119 19.20 10.66 -52.26
CA PRO E 119 19.94 11.92 -52.22
C PRO E 119 21.30 11.76 -52.87
N PRO E 120 21.80 12.82 -53.53
CA PRO E 120 23.13 12.78 -54.18
C PRO E 120 24.29 13.00 -53.22
N ASP E 121 24.36 12.16 -52.18
CA ASP E 121 25.42 12.21 -51.17
C ASP E 121 25.40 13.61 -50.54
N ASN E 122 26.55 14.25 -50.33
CA ASN E 122 26.57 15.59 -49.73
C ASN E 122 25.93 16.60 -50.67
N ILE E 123 25.01 17.38 -50.13
CA ILE E 123 24.30 18.35 -50.97
C ILE E 123 25.14 19.63 -51.11
N LYS E 124 25.23 20.11 -52.35
CA LYS E 124 26.07 21.26 -52.68
C LYS E 124 25.45 22.57 -52.22
N ASP E 125 24.24 22.87 -52.68
CA ASP E 125 23.57 24.10 -52.27
C ASP E 125 22.87 23.92 -50.93
N THR E 126 22.98 24.93 -50.08
CA THR E 126 22.35 24.86 -48.76
C THR E 126 20.83 24.83 -48.87
N LYS E 127 20.26 25.64 -49.75
CA LYS E 127 18.81 25.68 -49.95
C LYS E 127 18.38 24.41 -50.66
N SER E 128 17.76 23.50 -49.91
CA SER E 128 17.30 22.24 -50.48
C SER E 128 16.17 21.69 -49.63
N ASP E 129 15.40 20.79 -50.24
CA ASP E 129 14.36 20.05 -49.55
C ASP E 129 14.90 18.82 -48.85
N ILE E 130 16.13 18.42 -49.17
CA ILE E 130 16.71 17.22 -48.58
C ILE E 130 17.10 17.45 -47.12
N ILE E 131 17.66 18.62 -46.82
CA ILE E 131 18.26 18.92 -45.53
C ILE E 131 17.26 19.62 -44.63
N PHE E 132 17.24 19.23 -43.36
CA PHE E 132 16.39 19.86 -42.34
C PHE E 132 17.20 20.14 -41.09
N PHE E 133 16.74 21.13 -40.32
CA PHE E 133 17.39 21.51 -39.07
C PHE E 133 16.61 20.98 -37.89
N GLN E 134 17.34 20.49 -36.87
CA GLN E 134 16.73 19.93 -35.68
C GLN E 134 16.91 20.91 -34.51
N ARG E 135 15.81 21.23 -33.84
CA ARG E 135 15.82 22.14 -32.70
C ARG E 135 15.28 21.42 -31.47
N SER E 136 15.98 21.57 -30.35
CA SER E 136 15.59 20.89 -29.12
C SER E 136 14.22 21.38 -28.64
N VAL E 137 13.49 20.48 -28.00
CA VAL E 137 12.13 20.76 -27.55
C VAL E 137 12.14 21.09 -26.06
N PRO E 138 11.20 21.90 -25.58
CA PRO E 138 11.11 22.13 -24.13
C PRO E 138 10.75 20.88 -23.34
N GLY E 139 10.16 19.87 -23.98
CA GLY E 139 9.74 18.68 -23.27
C GLY E 139 10.84 17.66 -23.07
N HIS E 140 11.38 17.61 -21.85
CA HIS E 140 12.42 16.69 -21.40
C HIS E 140 13.78 16.94 -22.05
N ASP E 141 13.88 17.87 -23.00
CA ASP E 141 15.14 18.24 -23.63
C ASP E 141 15.86 17.03 -24.23
N ASN E 142 15.10 16.00 -24.57
CA ASN E 142 15.63 14.78 -25.15
C ASN E 142 15.24 14.59 -26.61
N LYS E 143 14.17 15.24 -27.06
CA LYS E 143 13.65 15.15 -28.41
C LYS E 143 13.93 16.45 -29.16
N MET E 144 13.82 16.40 -30.47
CA MET E 144 14.00 17.60 -31.29
C MET E 144 12.93 17.67 -32.35
N GLN E 145 12.49 18.89 -32.66
CA GLN E 145 11.58 19.16 -33.76
C GLN E 145 12.37 19.30 -35.06
N PHE E 146 11.63 19.48 -36.16
CA PHE E 146 12.22 19.56 -37.49
C PHE E 146 11.93 20.92 -38.10
N GLU E 147 12.93 21.47 -38.78
CA GLU E 147 12.85 22.78 -39.41
C GLU E 147 13.19 22.67 -40.89
N SER E 148 12.35 23.28 -41.73
CA SER E 148 12.61 23.30 -43.15
C SER E 148 13.81 24.18 -43.48
N SER E 149 14.65 23.71 -44.41
CA SER E 149 15.73 24.52 -44.93
C SER E 149 15.28 25.40 -46.09
N SER E 150 14.39 24.88 -46.94
CA SER E 150 13.86 25.65 -48.06
C SER E 150 12.86 26.72 -47.62
N TYR E 151 12.23 26.55 -46.46
CA TYR E 151 11.30 27.53 -45.92
C TYR E 151 11.88 28.10 -44.64
N GLU E 152 11.71 29.39 -44.42
CA GLU E 152 12.17 30.06 -43.21
C GLU E 152 10.96 30.50 -42.39
N GLY E 153 10.78 29.90 -41.23
CA GLY E 153 9.63 30.16 -40.39
C GLY E 153 8.56 29.09 -40.42
N TYR E 154 8.54 28.23 -41.43
CA TYR E 154 7.58 27.15 -41.49
C TYR E 154 7.95 26.06 -40.49
N PHE E 155 7.06 25.09 -40.32
CA PHE E 155 7.29 24.06 -39.33
C PHE E 155 6.60 22.77 -39.74
N LEU E 156 7.26 21.64 -39.50
CA LEU E 156 6.73 20.33 -39.86
C LEU E 156 6.10 19.70 -38.63
N ALA E 157 4.86 19.25 -38.76
CA ALA E 157 4.11 18.69 -37.64
C ALA E 157 3.05 17.74 -38.18
N CYS E 158 2.16 17.30 -37.30
CA CYS E 158 1.10 16.37 -37.64
C CYS E 158 -0.22 16.82 -37.04
N GLU E 159 -1.31 16.41 -37.68
CA GLU E 159 -2.65 16.74 -37.23
C GLU E 159 -3.56 15.54 -37.40
N LYS E 160 -4.54 15.42 -36.51
CA LYS E 160 -5.48 14.31 -36.51
C LYS E 160 -6.34 14.37 -37.77
N GLU E 161 -6.34 13.30 -38.55
CA GLU E 161 -7.21 13.18 -39.72
C GLU E 161 -7.86 11.80 -39.67
N ARG E 162 -9.18 11.77 -39.54
CA ARG E 162 -9.98 10.54 -39.50
C ARG E 162 -9.42 9.64 -38.41
N ASP E 163 -9.18 8.35 -38.67
CA ASP E 163 -8.68 7.44 -37.65
C ASP E 163 -7.17 7.39 -37.57
N LEU E 164 -6.46 7.85 -38.59
CA LEU E 164 -5.01 7.81 -38.65
C LEU E 164 -4.45 9.20 -38.35
N PHE E 165 -3.14 9.36 -38.54
CA PHE E 165 -2.47 10.63 -38.38
C PHE E 165 -1.71 10.98 -39.65
N LYS E 166 -1.84 12.23 -40.09
CA LYS E 166 -1.29 12.69 -41.36
C LYS E 166 -0.26 13.79 -41.09
N LEU E 167 0.94 13.60 -41.63
CA LEU E 167 2.01 14.58 -41.45
C LEU E 167 1.77 15.74 -42.42
N ILE E 168 1.41 16.89 -41.90
CA ILE E 168 1.14 18.08 -42.71
C ILE E 168 1.86 19.27 -42.10
N LEU E 169 2.56 20.02 -42.94
CA LEU E 169 3.25 21.22 -42.48
C LEU E 169 2.28 22.23 -41.88
N LYS E 170 2.64 22.76 -40.72
CA LYS E 170 1.86 23.81 -40.09
C LYS E 170 2.79 24.59 -39.16
N LYS E 171 2.62 25.91 -39.16
CA LYS E 171 3.51 26.77 -38.38
C LYS E 171 3.38 26.48 -36.90
N GLU E 172 4.52 26.32 -36.22
CA GLU E 172 4.50 26.00 -34.80
C GLU E 172 3.93 27.16 -33.98
N ASP E 173 4.29 28.39 -34.33
CA ASP E 173 3.79 29.55 -33.58
C ASP E 173 2.28 29.69 -33.68
N GLU E 174 1.72 29.47 -34.88
CA GLU E 174 0.28 29.55 -35.05
C GLU E 174 -0.38 28.27 -34.54
N LEU E 175 -1.41 28.44 -33.72
CA LEU E 175 -2.13 27.30 -33.14
C LEU E 175 -3.17 26.84 -34.14
N GLY E 176 -2.74 26.05 -35.12
CA GLY E 176 -3.64 25.49 -36.11
C GLY E 176 -4.28 24.21 -35.64
N ASP E 177 -5.57 24.27 -35.35
CA ASP E 177 -6.34 23.14 -34.79
C ASP E 177 -5.63 22.72 -33.50
N ARG E 178 -5.41 21.43 -33.26
CA ARG E 178 -4.68 21.01 -32.08
C ARG E 178 -3.18 21.25 -32.19
N SER E 179 -2.63 21.20 -33.40
CA SER E 179 -1.22 21.48 -33.66
C SER E 179 -0.31 20.53 -32.86
N ILE E 180 -0.43 19.24 -33.18
CA ILE E 180 0.44 18.25 -32.56
C ILE E 180 1.84 18.39 -33.13
N MET E 181 2.83 18.51 -32.24
CA MET E 181 4.21 18.74 -32.68
C MET E 181 4.88 17.42 -33.02
N PHE E 182 5.68 17.44 -34.09
CA PHE E 182 6.37 16.25 -34.57
C PHE E 182 7.81 16.25 -34.07
N THR E 183 8.15 15.25 -33.25
CA THR E 183 9.50 15.11 -32.74
C THR E 183 9.88 13.63 -32.79
N VAL E 184 11.19 13.37 -32.74
CA VAL E 184 11.72 12.01 -32.83
C VAL E 184 12.66 11.80 -31.65
N GLN E 185 12.79 10.54 -31.22
CA GLN E 185 13.60 10.18 -30.06
C GLN E 185 15.06 10.03 -30.48
N ASN E 186 15.95 10.70 -29.75
CA ASN E 186 17.37 10.70 -30.08
C ASN E 186 18.07 9.50 -29.47
N GLU E 187 19.22 9.14 -30.05
CA GLU E 187 20.02 8.06 -29.50
C GLU E 187 20.81 8.54 -28.28
N ASP E 188 20.84 7.70 -27.25
CA ASP E 188 21.54 8.03 -26.01
C ASP E 188 23.04 8.09 -26.23
N VAL F 1 -3.99 10.88 20.35
CA VAL F 1 -3.26 9.61 20.29
C VAL F 1 -3.81 8.65 21.34
N GLU F 2 -4.15 7.44 20.90
CA GLU F 2 -4.71 6.41 21.79
C GLU F 2 -3.55 5.70 22.50
N ASP F 3 -2.97 6.40 23.47
CA ASP F 3 -1.89 5.83 24.27
C ASP F 3 -2.44 4.69 25.12
N ASN F 4 -2.07 3.46 24.79
CA ASN F 4 -2.56 2.28 25.49
C ASN F 4 -1.38 1.48 26.02
N CYS F 5 -1.52 0.98 27.24
CA CYS F 5 -0.50 0.14 27.89
C CYS F 5 -1.22 -1.00 28.60
N ILE F 6 -1.41 -2.11 27.89
CA ILE F 6 -2.06 -3.28 28.47
C ILE F 6 -1.04 -4.07 29.26
N ASN F 7 -1.36 -4.36 30.52
CA ASN F 7 -0.43 -5.08 31.37
C ASN F 7 -1.10 -6.13 32.25
N PHE F 8 -2.39 -6.40 32.05
CA PHE F 8 -3.12 -7.30 32.94
C PHE F 8 -4.01 -8.21 32.11
N VAL F 9 -4.05 -9.49 32.47
CA VAL F 9 -5.01 -10.38 31.83
C VAL F 9 -5.86 -11.06 32.91
N ALA F 10 -5.22 -11.90 33.73
CA ALA F 10 -5.87 -12.60 34.82
C ALA F 10 -4.81 -13.34 35.63
N MET F 11 -4.96 -13.34 36.95
CA MET F 11 -4.05 -14.05 37.82
C MET F 11 -4.65 -14.11 39.22
N LYS F 12 -4.32 -15.19 39.94
CA LYS F 12 -4.87 -15.42 41.25
C LYS F 12 -3.94 -14.87 42.33
N PHE F 13 -4.42 -14.92 43.57
CA PHE F 13 -3.68 -14.52 44.76
C PHE F 13 -2.84 -15.69 45.26
N ILE F 14 -1.70 -15.37 45.86
CA ILE F 14 -0.82 -16.37 46.46
C ILE F 14 -0.33 -15.85 47.80
N ASP F 15 -0.39 -16.70 48.82
CA ASP F 15 0.08 -16.38 50.17
C ASP F 15 -0.64 -15.16 50.73
N ASN F 16 -1.98 -15.15 50.60
CA ASN F 16 -2.81 -14.05 51.07
C ASN F 16 -2.38 -12.71 50.47
N THR F 17 -1.90 -12.76 49.23
CA THR F 17 -1.43 -11.57 48.53
C THR F 17 -1.87 -11.65 47.08
N LEU F 18 -2.36 -10.53 46.55
CA LEU F 18 -2.92 -10.49 45.21
C LEU F 18 -1.80 -10.31 44.19
N TYR F 19 -1.65 -11.30 43.31
CA TYR F 19 -0.68 -11.27 42.24
C TYR F 19 -1.38 -11.12 40.90
N PHE F 20 -0.68 -10.53 39.94
CA PHE F 20 -1.22 -10.29 38.60
C PHE F 20 -0.11 -10.45 37.58
N ILE F 21 -0.28 -11.38 36.64
CA ILE F 21 0.68 -11.55 35.56
C ILE F 21 0.35 -10.56 34.46
N ALA F 22 1.28 -10.34 33.55
CA ALA F 22 1.11 -9.39 32.46
C ALA F 22 1.00 -10.15 31.14
N GLU F 23 0.55 -9.44 30.11
CA GLU F 23 0.42 -10.06 28.80
C GLU F 23 1.78 -10.42 28.21
N ASP F 24 2.78 -9.58 28.43
CA ASP F 24 4.12 -9.82 27.90
C ASP F 24 4.98 -10.43 29.00
N ASP F 25 5.82 -11.39 28.63
CA ASP F 25 6.73 -12.05 29.56
C ASP F 25 8.17 -12.07 29.10
N GLU F 26 8.44 -11.66 27.85
CA GLU F 26 9.79 -11.64 27.31
C GLU F 26 10.37 -10.23 27.21
N ASN F 27 9.63 -9.21 27.62
CA ASN F 27 10.09 -7.82 27.58
C ASN F 27 10.50 -7.41 26.17
N LEU F 28 9.65 -7.69 25.19
CA LEU F 28 9.91 -7.28 23.82
C LEU F 28 9.86 -5.76 23.71
N GLU F 29 10.78 -5.20 22.91
CA GLU F 29 10.89 -3.76 22.75
C GLU F 29 10.24 -3.33 21.44
N SER F 30 9.55 -2.20 21.47
CA SER F 30 8.92 -1.68 20.27
C SER F 30 9.95 -1.12 19.30
N ASP F 31 9.63 -1.17 18.02
CA ASP F 31 10.47 -0.57 17.00
C ASP F 31 10.13 0.90 16.73
N TYR F 32 9.10 1.43 17.40
CA TYR F 32 8.82 2.86 17.29
C TYR F 32 9.96 3.66 17.89
N PHE F 33 10.28 4.80 17.27
CA PHE F 33 11.46 5.55 17.67
C PHE F 33 11.32 6.10 19.10
N GLY F 34 10.12 6.56 19.46
CA GLY F 34 9.94 7.15 20.76
C GLY F 34 9.77 6.11 21.86
N LYS F 35 9.87 6.58 23.10
CA LYS F 35 9.70 5.72 24.25
C LYS F 35 8.23 5.41 24.48
N LEU F 36 7.98 4.35 25.25
CA LEU F 36 6.63 3.87 25.52
C LEU F 36 6.47 3.58 27.01
N GLU F 37 6.87 4.53 27.85
CA GLU F 37 6.72 4.37 29.29
C GLU F 37 5.24 4.18 29.64
N SER F 38 4.95 3.15 30.42
CA SER F 38 3.58 2.82 30.75
C SER F 38 3.00 3.82 31.75
N LYS F 39 1.70 4.07 31.60
CA LYS F 39 0.99 4.99 32.49
C LYS F 39 -0.29 4.42 33.08
N LEU F 40 -0.95 3.48 32.41
CA LEU F 40 -2.14 2.83 32.95
C LEU F 40 -2.11 1.37 32.56
N SER F 41 -3.01 0.60 33.16
CA SER F 41 -3.14 -0.83 32.86
C SER F 41 -4.53 -1.26 33.30
N VAL F 42 -5.40 -1.57 32.34
CA VAL F 42 -6.83 -1.65 32.65
C VAL F 42 -7.48 -2.97 32.26
N ILE F 43 -6.97 -3.63 31.22
CA ILE F 43 -7.78 -4.62 30.53
C ILE F 43 -7.88 -5.90 31.35
N ARG F 44 -9.11 -6.42 31.40
CA ARG F 44 -9.32 -7.70 32.09
C ARG F 44 -10.52 -8.41 31.46
N ASN F 45 -11.15 -9.31 32.20
CA ASN F 45 -12.33 -10.04 31.73
C ASN F 45 -12.02 -11.00 30.58
N LEU F 46 -10.75 -11.33 30.38
CA LEU F 46 -10.40 -12.30 29.36
C LEU F 46 -10.77 -13.70 29.84
N ASN F 47 -11.96 -14.16 29.44
CA ASN F 47 -12.51 -15.44 29.88
C ASN F 47 -12.61 -15.51 31.40
N THR F 76 -8.99 -15.70 40.98
CA THR F 76 -9.14 -15.81 39.53
C THR F 76 -10.45 -15.21 39.04
N ILE F 77 -11.07 -14.38 39.86
CA ILE F 77 -12.39 -13.86 39.51
C ILE F 77 -12.43 -12.33 39.52
N PHE F 78 -12.15 -11.73 40.70
CA PHE F 78 -12.12 -10.24 40.83
C PHE F 78 -13.51 -9.61 40.94
N ILE F 79 -14.19 -9.75 42.09
CA ILE F 79 -15.44 -9.04 42.33
C ILE F 79 -15.59 -7.54 42.50
N ILE F 80 -16.51 -6.95 41.75
CA ILE F 80 -16.83 -5.53 41.87
C ILE F 80 -18.34 -5.41 42.05
N SER F 81 -18.76 -4.78 43.15
CA SER F 81 -20.17 -4.57 43.43
C SER F 81 -20.40 -3.11 43.78
N MET F 82 -21.51 -2.56 43.29
CA MET F 82 -21.85 -1.16 43.50
C MET F 82 -22.80 -1.02 44.67
N TYR F 83 -22.67 0.10 45.38
CA TYR F 83 -23.47 0.38 46.55
C TYR F 83 -24.07 1.78 46.42
N LYS F 84 -25.23 1.98 47.03
CA LYS F 84 -25.87 3.29 47.03
C LYS F 84 -25.60 3.99 48.36
N ASP F 85 -25.21 5.26 48.27
CA ASP F 85 -24.83 6.05 49.43
C ASP F 85 -25.93 7.06 49.73
N SER F 86 -26.38 7.09 50.99
CA SER F 86 -27.25 8.16 51.45
C SER F 86 -26.52 9.50 51.55
N GLN F 87 -25.19 9.49 51.42
CA GLN F 87 -24.36 10.69 51.47
C GLN F 87 -23.46 10.66 50.24
N PRO F 88 -24.02 10.86 49.03
CA PRO F 88 -23.26 10.58 47.81
C PRO F 88 -22.16 11.57 47.53
N ARG F 89 -20.92 11.16 47.81
CA ARG F 89 -19.72 11.90 47.43
C ARG F 89 -18.84 11.06 46.51
N GLY F 90 -19.45 10.20 45.70
CA GLY F 90 -18.73 9.30 44.83
C GLY F 90 -19.42 7.95 44.83
N MET F 91 -19.42 7.29 43.68
CA MET F 91 -20.09 6.01 43.52
C MET F 91 -19.39 4.96 44.37
N ALA F 92 -20.15 4.25 45.19
CA ALA F 92 -19.59 3.27 46.12
C ALA F 92 -19.32 1.96 45.40
N VAL F 93 -18.09 1.46 45.51
CA VAL F 93 -17.66 0.26 44.81
C VAL F 93 -16.91 -0.64 45.79
N THR F 94 -17.01 -1.95 45.59
CA THR F 94 -16.32 -2.95 46.38
C THR F 94 -15.37 -3.76 45.52
N ILE F 95 -14.29 -4.24 46.13
CA ILE F 95 -13.44 -5.26 45.54
C ILE F 95 -13.43 -6.49 46.43
N SER F 96 -13.52 -7.67 45.82
CA SER F 96 -13.40 -8.93 46.52
C SER F 96 -12.80 -9.95 45.58
N VAL F 97 -12.21 -10.99 46.15
CA VAL F 97 -11.62 -12.08 45.38
C VAL F 97 -12.04 -13.39 46.01
N LYS F 98 -12.47 -14.34 45.17
CA LYS F 98 -12.94 -15.62 45.67
C LYS F 98 -11.79 -16.40 46.28
N CYS F 99 -12.09 -17.07 47.39
CA CYS F 99 -11.12 -17.85 48.15
C CYS F 99 -11.79 -19.16 48.54
N GLU F 100 -11.20 -19.87 49.51
CA GLU F 100 -11.97 -20.92 50.17
C GLU F 100 -13.21 -20.33 50.81
N LYS F 101 -13.08 -19.14 51.39
CA LYS F 101 -14.19 -18.26 51.73
C LYS F 101 -13.83 -16.86 51.24
N ILE F 102 -14.79 -16.22 50.55
CA ILE F 102 -14.52 -14.98 49.83
C ILE F 102 -13.75 -13.99 50.68
N SER F 103 -12.77 -13.34 50.06
CA SER F 103 -11.94 -12.35 50.73
C SER F 103 -12.16 -10.98 50.10
N THR F 104 -12.23 -9.96 50.94
CA THR F 104 -12.37 -8.58 50.49
C THR F 104 -11.10 -7.82 50.82
N LEU F 105 -10.71 -6.89 49.94
CA LEU F 105 -9.52 -6.10 50.20
C LEU F 105 -9.83 -5.09 51.28
N SER F 106 -8.85 -4.81 52.13
CA SER F 106 -9.10 -3.98 53.31
C SER F 106 -8.04 -2.89 53.43
N CYS F 107 -8.43 -1.79 54.05
CA CYS F 107 -7.60 -0.62 54.25
C CYS F 107 -7.69 -0.11 55.69
N GLU F 108 -7.53 -1.01 56.66
CA GLU F 108 -7.62 -0.59 58.06
C GLU F 108 -6.24 -0.20 58.59
N ASN F 109 -6.21 0.90 59.34
CA ASN F 109 -5.02 1.35 60.06
C ASN F 109 -3.86 1.73 59.14
N LYS F 110 -4.16 2.47 58.07
CA LYS F 110 -3.16 3.08 57.21
C LYS F 110 -2.22 2.06 56.57
N ILE F 111 -2.70 0.82 56.38
CA ILE F 111 -1.92 -0.22 55.73
C ILE F 111 -2.83 -1.02 54.81
N ILE F 112 -2.19 -1.76 53.90
CA ILE F 112 -2.89 -2.63 52.96
C ILE F 112 -3.01 -4.02 53.55
N SER F 113 -4.18 -4.63 53.41
CA SER F 113 -4.43 -5.94 53.96
C SER F 113 -5.60 -6.58 53.22
N PHE F 114 -5.65 -7.92 53.27
CA PHE F 114 -6.77 -8.68 52.73
C PHE F 114 -7.51 -9.31 53.91
N LYS F 115 -8.78 -8.97 54.06
CA LYS F 115 -9.63 -9.57 55.09
C LYS F 115 -10.60 -10.55 54.46
N GLU F 116 -10.91 -11.61 55.19
CA GLU F 116 -11.66 -12.73 54.64
C GLU F 116 -13.15 -12.50 54.92
N MET F 117 -13.97 -13.48 54.52
CA MET F 117 -15.43 -13.40 54.78
C MET F 117 -16.15 -12.58 53.72
N ASN F 118 -17.46 -12.37 53.89
CA ASN F 118 -18.31 -11.71 52.92
C ASN F 118 -18.82 -10.40 53.50
N PRO F 119 -19.10 -9.40 52.66
CA PRO F 119 -19.62 -8.14 53.18
C PRO F 119 -21.01 -8.32 53.76
N PRO F 120 -21.36 -7.57 54.82
CA PRO F 120 -22.68 -7.66 55.44
C PRO F 120 -23.77 -6.87 54.71
N ASP F 121 -23.94 -7.17 53.42
CA ASP F 121 -24.94 -6.52 52.56
C ASP F 121 -24.67 -5.03 52.58
N ASN F 122 -25.69 -4.17 52.69
CA ASN F 122 -25.47 -2.73 52.70
C ASN F 122 -24.69 -2.32 53.96
N ILE F 123 -23.64 -1.53 53.76
CA ILE F 123 -22.81 -1.14 54.89
C ILE F 123 -23.43 0.07 55.58
N LYS F 124 -23.48 0.00 56.92
CA LYS F 124 -24.13 1.03 57.72
C LYS F 124 -23.28 2.30 57.84
N ASP F 125 -22.06 2.18 58.32
CA ASP F 125 -21.17 3.33 58.45
C ASP F 125 -20.47 3.61 57.13
N THR F 126 -20.38 4.89 56.77
CA THR F 126 -19.73 5.27 55.52
C THR F 126 -18.24 4.94 55.55
N LYS F 127 -17.57 5.21 56.67
CA LYS F 127 -16.14 4.92 56.80
C LYS F 127 -15.96 3.42 56.89
N SER F 128 -15.47 2.82 55.82
CA SER F 128 -15.25 1.37 55.79
C SER F 128 -14.19 1.05 54.75
N ASP F 129 -13.61 -0.14 54.90
CA ASP F 129 -12.67 -0.68 53.92
C ASP F 129 -13.40 -1.40 52.79
N ILE F 130 -14.69 -1.68 52.96
CA ILE F 130 -15.44 -2.42 51.96
C ILE F 130 -15.73 -1.54 50.74
N ILE F 131 -16.07 -0.28 50.98
CA ILE F 131 -16.58 0.63 49.95
C ILE F 131 -15.44 1.46 49.39
N PHE F 132 -15.45 1.65 48.06
CA PHE F 132 -14.48 2.49 47.38
C PHE F 132 -15.19 3.40 46.39
N PHE F 133 -14.54 4.53 46.08
CA PHE F 133 -15.07 5.50 45.14
C PHE F 133 -14.35 5.38 43.79
N GLN F 134 -15.11 5.49 42.71
CA GLN F 134 -14.57 5.39 41.37
C GLN F 134 -14.54 6.77 40.72
N ARG F 135 -13.38 7.16 40.21
CA ARG F 135 -13.19 8.45 39.55
C ARG F 135 -12.75 8.23 38.11
N SER F 136 -13.38 8.94 37.18
CA SER F 136 -13.07 8.80 35.77
C SER F 136 -11.62 9.20 35.48
N VAL F 137 -11.02 8.54 34.49
CA VAL F 137 -9.62 8.76 34.15
C VAL F 137 -9.53 9.67 32.94
N PRO F 138 -8.45 10.45 32.80
CA PRO F 138 -8.26 11.23 31.57
C PRO F 138 -8.10 10.39 30.32
N GLY F 139 -7.71 9.12 30.45
CA GLY F 139 -7.46 8.28 29.30
C GLY F 139 -8.72 7.64 28.74
N HIS F 140 -9.22 8.19 27.63
CA HIS F 140 -10.37 7.73 26.87
C HIS F 140 -11.69 7.90 27.62
N ASP F 141 -11.67 8.36 28.87
CA ASP F 141 -12.88 8.64 29.65
C ASP F 141 -13.81 7.43 29.72
N ASN F 142 -13.23 6.23 29.57
CA ASN F 142 -14.00 4.99 29.62
C ASN F 142 -13.68 4.16 30.85
N LYS F 143 -12.53 4.37 31.48
CA LYS F 143 -12.09 3.64 32.65
C LYS F 143 -12.17 4.54 33.88
N MET F 144 -12.12 3.92 35.06
CA MET F 144 -12.12 4.68 36.29
C MET F 144 -11.09 4.13 37.26
N GLN F 145 -10.46 5.02 38.03
CA GLN F 145 -9.56 4.65 39.10
C GLN F 145 -10.35 4.36 40.37
N PHE F 146 -9.63 3.94 41.41
CA PHE F 146 -10.24 3.56 42.67
C PHE F 146 -9.75 4.46 43.80
N GLU F 147 -10.68 4.85 44.67
CA GLU F 147 -10.40 5.74 45.79
C GLU F 147 -10.80 5.07 47.10
N SER F 148 -9.90 5.14 48.08
CA SER F 148 -10.20 4.60 49.40
C SER F 148 -11.26 5.45 50.11
N SER F 149 -12.18 4.78 50.79
CA SER F 149 -13.14 5.47 51.65
C SER F 149 -12.58 5.69 53.04
N SER F 150 -11.81 4.73 53.56
CA SER F 150 -11.20 4.86 54.88
C SER F 150 -10.03 5.83 54.89
N TYR F 151 -9.39 6.07 53.74
CA TYR F 151 -8.29 7.02 53.63
C TYR F 151 -8.73 8.15 52.71
N GLU F 152 -8.34 9.37 53.06
CA GLU F 152 -8.64 10.54 52.24
C GLU F 152 -7.35 11.08 51.65
N GLY F 153 -7.23 11.00 50.32
CA GLY F 153 -6.03 11.39 49.62
C GLY F 153 -5.14 10.25 49.17
N TYR F 154 -5.31 9.06 49.73
CA TYR F 154 -4.55 7.90 49.29
C TYR F 154 -5.05 7.41 47.95
N PHE F 155 -4.34 6.46 47.35
CA PHE F 155 -4.71 5.99 46.03
C PHE F 155 -4.25 4.55 45.84
N LEU F 156 -5.08 3.75 45.18
CA LEU F 156 -4.79 2.35 44.94
C LEU F 156 -4.24 2.18 43.53
N ALA F 157 -3.09 1.53 43.41
CA ALA F 157 -2.40 1.37 42.14
C ALA F 157 -1.54 0.13 42.19
N CYS F 158 -0.70 -0.05 41.17
CA CYS F 158 0.17 -1.21 41.04
C CYS F 158 1.56 -0.76 40.65
N GLU F 159 2.55 -1.58 41.01
CA GLU F 159 3.94 -1.31 40.69
C GLU F 159 4.63 -2.62 40.30
N LYS F 160 5.62 -2.51 39.40
CA LYS F 160 6.36 -3.66 38.91
C LYS F 160 7.18 -4.28 40.04
N GLU F 161 6.96 -5.55 40.31
CA GLU F 161 7.76 -6.29 41.28
C GLU F 161 8.17 -7.61 40.63
N ARG F 162 9.48 -7.80 40.46
CA ARG F 162 10.06 -9.03 39.88
C ARG F 162 9.40 -9.28 38.53
N ASP F 163 8.93 -10.50 38.24
CA ASP F 163 8.33 -10.80 36.95
C ASP F 163 6.82 -10.57 36.92
N LEU F 164 6.18 -10.46 38.07
CA LEU F 164 4.74 -10.28 38.16
C LEU F 164 4.42 -8.83 38.50
N PHE F 165 3.15 -8.55 38.78
CA PHE F 165 2.71 -7.23 39.20
C PHE F 165 1.97 -7.32 40.53
N LYS F 166 2.30 -6.41 41.43
CA LYS F 166 1.79 -6.43 42.80
C LYS F 166 0.97 -5.17 43.05
N LEU F 167 -0.26 -5.36 43.51
CA LEU F 167 -1.15 -4.23 43.81
C LEU F 167 -0.75 -3.65 45.16
N ILE F 168 -0.18 -2.46 45.15
CA ILE F 168 0.25 -1.78 46.37
C ILE F 168 -0.24 -0.35 46.33
N LEU F 169 -0.82 0.10 47.45
CA LEU F 169 -1.30 1.48 47.56
C LEU F 169 -0.16 2.46 47.39
N LYS F 170 -0.38 3.47 46.57
CA LYS F 170 0.58 4.55 46.40
C LYS F 170 -0.16 5.79 45.92
N LYS F 171 0.21 6.94 46.47
CA LYS F 171 -0.49 8.18 46.16
C LYS F 171 -0.35 8.52 44.68
N GLU F 172 -1.49 8.85 44.05
CA GLU F 172 -1.47 9.16 42.62
C GLU F 172 -0.68 10.43 42.33
N ASP F 173 -0.85 11.46 43.18
CA ASP F 173 -0.15 12.72 42.96
C ASP F 173 1.36 12.55 43.05
N GLU F 174 1.83 11.77 44.02
CA GLU F 174 3.27 11.52 44.15
C GLU F 174 3.72 10.49 43.13
N LEU F 175 4.79 10.80 42.42
CA LEU F 175 5.32 9.91 41.39
C LEU F 175 6.25 8.90 42.07
N GLY F 176 5.65 7.87 42.64
CA GLY F 176 6.41 6.80 43.28
C GLY F 176 6.86 5.75 42.29
N ASP F 177 8.14 5.70 42.00
CA ASP F 177 8.73 4.81 40.99
C ASP F 177 8.01 5.09 39.67
N ARG F 178 7.58 4.07 38.93
CA ARG F 178 6.83 4.31 37.69
C ARG F 178 5.40 4.74 37.97
N SER F 179 4.81 4.27 39.06
CA SER F 179 3.45 4.64 39.47
C SER F 179 2.43 4.27 38.39
N ILE F 180 2.31 2.97 38.13
CA ILE F 180 1.31 2.49 37.19
C ILE F 180 -0.06 2.62 37.83
N MET F 181 -0.99 3.25 37.11
CA MET F 181 -2.32 3.51 37.65
C MET F 181 -3.21 2.29 37.44
N PHE F 182 -4.04 2.00 38.45
CA PHE F 182 -4.93 0.84 38.43
C PHE F 182 -6.33 1.29 38.03
N THR F 183 -6.81 0.80 36.89
CA THR F 183 -8.15 1.10 36.40
C THR F 183 -8.77 -0.18 35.85
N VAL F 184 -10.10 -0.17 35.74
CA VAL F 184 -10.86 -1.33 35.29
C VAL F 184 -11.77 -0.88 34.16
N GLN F 185 -12.10 -1.80 33.25
CA GLN F 185 -12.91 -1.49 32.08
C GLN F 185 -14.40 -1.57 32.46
N ASN F 186 -15.14 -0.52 32.11
CA ASN F 186 -16.55 -0.42 32.47
C ASN F 186 -17.43 -1.12 31.44
N GLU F 187 -18.63 -1.49 31.85
CA GLU F 187 -19.57 -2.10 30.93
C GLU F 187 -20.23 -1.04 30.06
N ASP F 188 -20.37 -1.34 28.78
CA ASP F 188 -20.97 -0.42 27.82
C ASP F 188 -22.45 -0.21 28.10
#